data_3WTM
#
_entry.id   3WTM
#
_cell.length_a   74.812
_cell.length_b   74.812
_cell.length_c   351.402
_cell.angle_alpha   90.00
_cell.angle_beta   90.00
_cell.angle_gamma   120.00
#
_symmetry.space_group_name_H-M   'P 65'
#
loop_
_entity.id
_entity.type
_entity.pdbx_description
1 polymer 'Acetylcholine-binding protein'
2 non-polymer 2-chloro-5-{[(2E)-2-(nitromethylidene)imidazolidin-1-yl]methyl}pyridine
3 water water
#
_entity_poly.entity_id   1
_entity_poly.type   'polypeptide(L)'
_entity_poly.pdbx_seq_one_letter_code
;EAEAADRADILYNIRQTSRPDVIPTQRDRPVAVSVSLKFINILEVNEITNEVDVVFWQRTTWSDRTLAWDSSHSPDQVSV
PISSLWVPDLAAYNAISKPEVLTPQLARVVSDGEVLYMPSIRQRFSCDVSGVDTESGATCRIKIGSWTHHSREISVDPTT
ENSDDSEYFSQYSRFEILDVTQKKNSVTYSCCPEAYEDVEVSLNFRKKGRSEIL
;
_entity_poly.pdbx_strand_id   A,B,C,D,E
#
loop_
_chem_comp.id
_chem_comp.type
_chem_comp.name
_chem_comp.formula
N1Y non-polymer 2-chloro-5-{[(2E)-2-(nitromethylidene)imidazolidin-1-yl]methyl}pyridine 'C10 H11 Cl N4 O2'
#
# COMPACT_ATOMS: atom_id res chain seq x y z
N ALA A 5 9.51 -16.45 -35.64
CA ALA A 5 8.75 -15.97 -34.45
C ALA A 5 9.54 -16.19 -33.15
N ASP A 6 9.70 -15.10 -32.40
CA ASP A 6 10.40 -15.13 -31.12
C ASP A 6 9.41 -14.81 -30.02
N ARG A 7 9.89 -14.65 -28.80
CA ARG A 7 8.99 -14.34 -27.69
C ARG A 7 8.40 -12.95 -27.79
N ALA A 8 9.14 -12.02 -28.40
CA ALA A 8 8.66 -10.65 -28.56
C ALA A 8 7.36 -10.63 -29.35
N ASP A 9 7.27 -11.48 -30.37
CA ASP A 9 6.06 -11.55 -31.20
C ASP A 9 4.91 -12.23 -30.46
N ILE A 10 5.20 -13.29 -29.72
CA ILE A 10 4.17 -14.00 -28.97
C ILE A 10 3.49 -13.03 -27.99
N LEU A 11 4.28 -12.28 -27.23
CA LEU A 11 3.73 -11.34 -26.27
C LEU A 11 3.04 -10.19 -27.02
N TYR A 12 3.68 -9.72 -28.09
CA TYR A 12 3.10 -8.65 -28.89
C TYR A 12 1.71 -9.06 -29.39
N ASN A 13 1.57 -10.30 -29.83
CA ASN A 13 0.30 -10.78 -30.33
C ASN A 13 -0.72 -10.87 -29.23
N ILE A 14 -0.30 -11.38 -28.07
CA ILE A 14 -1.18 -11.51 -26.91
C ILE A 14 -1.77 -10.13 -26.61
N ARG A 15 -0.91 -9.12 -26.62
CA ARG A 15 -1.31 -7.75 -26.34
C ARG A 15 -2.36 -7.25 -27.36
N GLN A 16 -2.36 -7.84 -28.55
CA GLN A 16 -3.29 -7.46 -29.60
C GLN A 16 -4.64 -8.16 -29.52
N THR A 17 -4.64 -9.40 -29.03
CA THR A 17 -5.88 -10.18 -28.94
C THR A 17 -6.52 -10.28 -27.55
N SER A 18 -5.70 -10.24 -26.52
CA SER A 18 -6.18 -10.35 -25.15
C SER A 18 -7.11 -9.26 -24.63
N ARG A 19 -8.19 -9.69 -23.99
CA ARG A 19 -9.20 -8.81 -23.40
C ARG A 19 -9.26 -9.15 -21.91
N PRO A 20 -8.33 -8.64 -21.09
CA PRO A 20 -8.32 -8.94 -19.65
C PRO A 20 -9.63 -8.76 -18.90
N ASP A 21 -10.52 -7.94 -19.44
CA ASP A 21 -11.78 -7.72 -18.74
C ASP A 21 -12.97 -8.44 -19.37
N VAL A 22 -12.71 -9.32 -20.33
CA VAL A 22 -13.80 -10.06 -20.98
C VAL A 22 -13.56 -11.56 -20.81
N ILE A 23 -14.49 -12.24 -20.17
CA ILE A 23 -14.39 -13.68 -19.95
C ILE A 23 -14.36 -14.41 -21.29
N PRO A 24 -13.26 -15.13 -21.58
CA PRO A 24 -13.06 -15.88 -22.82
C PRO A 24 -13.97 -17.08 -22.98
N THR A 25 -15.25 -16.81 -23.25
CA THR A 25 -16.25 -17.86 -23.41
C THR A 25 -16.37 -18.41 -24.83
N GLN A 26 -16.34 -19.73 -24.93
CA GLN A 26 -16.45 -20.46 -26.19
C GLN A 26 -17.94 -20.62 -26.44
N ARG A 27 -18.48 -19.92 -27.43
CA ARG A 27 -19.90 -20.01 -27.71
C ARG A 27 -20.66 -19.57 -26.46
N ASP A 28 -21.30 -20.50 -25.78
CA ASP A 28 -22.04 -20.18 -24.57
C ASP A 28 -21.82 -21.17 -23.43
N ARG A 29 -20.74 -21.94 -23.54
CA ARG A 29 -20.40 -22.89 -22.50
C ARG A 29 -19.51 -22.12 -21.53
N PRO A 30 -19.72 -22.29 -20.22
CA PRO A 30 -18.90 -21.57 -19.24
C PRO A 30 -17.41 -21.88 -19.35
N VAL A 31 -16.57 -20.96 -18.88
CA VAL A 31 -15.13 -21.16 -18.93
C VAL A 31 -14.73 -22.19 -17.86
N ALA A 32 -14.06 -23.25 -18.29
CA ALA A 32 -13.62 -24.31 -17.39
C ALA A 32 -12.35 -23.96 -16.64
N VAL A 33 -12.49 -23.59 -15.37
CA VAL A 33 -11.33 -23.25 -14.56
C VAL A 33 -11.04 -24.30 -13.51
N SER A 34 -9.79 -24.74 -13.47
CA SER A 34 -9.38 -25.74 -12.49
C SER A 34 -8.60 -25.09 -11.36
N VAL A 35 -8.97 -25.43 -10.13
CA VAL A 35 -8.32 -24.91 -8.95
C VAL A 35 -7.86 -26.11 -8.13
N SER A 36 -6.75 -25.95 -7.43
CA SER A 36 -6.24 -27.00 -6.56
C SER A 36 -5.20 -26.30 -5.71
N LEU A 37 -5.24 -26.52 -4.40
CA LEU A 37 -4.29 -25.86 -3.53
C LEU A 37 -3.18 -26.75 -3.00
N LYS A 38 -1.97 -26.22 -3.00
CA LYS A 38 -0.81 -26.94 -2.48
C LYS A 38 -0.35 -26.21 -1.24
N PHE A 39 -0.54 -26.84 -0.09
CA PHE A 39 -0.16 -26.22 1.18
C PHE A 39 1.33 -26.22 1.41
N ILE A 40 1.84 -25.03 1.68
CA ILE A 40 3.26 -24.81 1.90
C ILE A 40 3.54 -24.62 3.39
N ASN A 41 2.68 -23.83 4.04
CA ASN A 41 2.87 -23.57 5.46
C ASN A 41 1.60 -23.23 6.26
N ILE A 42 1.67 -23.49 7.56
CA ILE A 42 0.58 -23.18 8.50
C ILE A 42 1.36 -22.39 9.55
N LEU A 43 1.22 -21.07 9.52
CA LEU A 43 1.95 -20.18 10.42
C LEU A 43 1.29 -19.87 11.76
N GLU A 44 -0.03 -19.67 11.73
CA GLU A 44 -0.71 -19.35 12.96
C GLU A 44 -2.07 -20.02 12.99
N VAL A 45 -2.48 -20.42 14.19
CA VAL A 45 -3.74 -21.09 14.42
C VAL A 45 -4.27 -20.68 15.78
N ASN A 46 -5.52 -20.25 15.83
CA ASN A 46 -6.12 -19.86 17.10
C ASN A 46 -7.24 -20.82 17.46
N GLU A 47 -6.99 -21.67 18.46
CA GLU A 47 -7.98 -22.66 18.90
C GLU A 47 -9.24 -22.03 19.44
N ILE A 48 -9.11 -20.82 19.98
CA ILE A 48 -10.24 -20.10 20.57
C ILE A 48 -11.08 -19.28 19.58
N THR A 49 -10.44 -18.61 18.63
CA THR A 49 -11.18 -17.80 17.67
C THR A 49 -11.49 -18.55 16.37
N ASN A 50 -10.97 -19.77 16.24
CA ASN A 50 -11.15 -20.58 15.03
C ASN A 50 -10.69 -19.78 13.82
N GLU A 51 -9.38 -19.57 13.76
CA GLU A 51 -8.73 -18.81 12.70
C GLU A 51 -7.36 -19.41 12.44
N VAL A 52 -7.00 -19.50 11.17
CA VAL A 52 -5.70 -20.03 10.77
C VAL A 52 -5.03 -19.08 9.79
N ASP A 53 -3.71 -19.16 9.74
CA ASP A 53 -2.93 -18.34 8.84
C ASP A 53 -2.16 -19.35 7.99
N VAL A 54 -2.33 -19.32 6.68
CA VAL A 54 -1.61 -20.29 5.87
C VAL A 54 -0.96 -19.80 4.57
N VAL A 55 -0.05 -20.60 4.04
CA VAL A 55 0.62 -20.28 2.80
C VAL A 55 0.34 -21.45 1.86
N PHE A 56 -0.10 -21.15 0.64
CA PHE A 56 -0.41 -22.20 -0.31
C PHE A 56 -0.23 -21.75 -1.77
N TRP A 57 0.05 -22.71 -2.63
CA TRP A 57 0.20 -22.42 -4.05
C TRP A 57 -1.14 -22.69 -4.66
N GLN A 58 -1.76 -21.66 -5.24
CA GLN A 58 -3.06 -21.86 -5.85
C GLN A 58 -2.94 -22.17 -7.35
N ARG A 59 -2.73 -23.44 -7.68
N ARG A 59 -2.75 -23.45 -7.67
CA ARG A 59 -2.59 -23.85 -9.07
CA ARG A 59 -2.63 -23.91 -9.05
C ARG A 59 -3.93 -23.65 -9.77
C ARG A 59 -3.95 -23.67 -9.78
N THR A 60 -3.94 -22.76 -10.74
CA THR A 60 -5.14 -22.43 -11.49
C THR A 60 -4.92 -22.52 -13.00
N THR A 61 -5.88 -23.11 -13.71
CA THR A 61 -5.76 -23.28 -15.15
C THR A 61 -7.07 -23.07 -15.89
N TRP A 62 -6.97 -22.59 -17.13
CA TRP A 62 -8.13 -22.35 -17.97
C TRP A 62 -7.69 -22.12 -19.39
N SER A 63 -8.65 -22.07 -20.30
CA SER A 63 -8.38 -21.88 -21.72
C SER A 63 -8.79 -20.52 -22.25
N ASP A 64 -7.90 -19.93 -23.04
CA ASP A 64 -8.16 -18.63 -23.65
C ASP A 64 -7.72 -18.79 -25.11
N ARG A 65 -8.62 -19.31 -25.92
CA ARG A 65 -8.33 -19.55 -27.33
C ARG A 65 -7.80 -18.36 -28.11
N THR A 66 -8.27 -17.16 -27.80
CA THR A 66 -7.81 -15.99 -28.53
C THR A 66 -6.35 -15.66 -28.26
N LEU A 67 -5.67 -16.48 -27.45
CA LEU A 67 -4.26 -16.25 -27.16
C LEU A 67 -3.36 -17.20 -27.94
N ALA A 68 -3.94 -18.23 -28.54
CA ALA A 68 -3.19 -19.23 -29.31
C ALA A 68 -2.37 -18.63 -30.45
N TRP A 69 -1.32 -19.36 -30.84
CA TRP A 69 -0.45 -18.94 -31.92
C TRP A 69 0.25 -20.20 -32.41
N ASP A 70 1.16 -20.06 -33.38
CA ASP A 70 1.87 -21.22 -33.93
C ASP A 70 3.29 -21.33 -33.38
N SER A 71 3.58 -22.43 -32.70
CA SER A 71 4.89 -22.65 -32.12
C SER A 71 5.74 -23.68 -32.87
N SER A 72 5.36 -23.99 -34.09
CA SER A 72 6.09 -24.96 -34.89
C SER A 72 7.52 -24.49 -35.11
N HIS A 73 7.71 -23.17 -35.08
CA HIS A 73 9.03 -22.60 -35.27
C HIS A 73 9.27 -21.44 -34.31
N SER A 74 8.83 -21.65 -33.07
CA SER A 74 8.98 -20.67 -32.01
C SER A 74 8.60 -21.38 -30.72
N PRO A 75 8.78 -20.71 -29.57
CA PRO A 75 8.44 -21.31 -28.27
C PRO A 75 6.94 -21.52 -28.12
N ASP A 76 6.55 -22.62 -27.48
CA ASP A 76 5.13 -22.89 -27.29
C ASP A 76 4.66 -22.41 -25.92
N GLN A 77 5.53 -21.69 -25.21
CA GLN A 77 5.19 -21.17 -23.89
C GLN A 77 5.94 -19.91 -23.50
N VAL A 78 5.25 -19.02 -22.79
CA VAL A 78 5.86 -17.77 -22.33
C VAL A 78 5.22 -17.31 -21.02
N SER A 79 6.02 -16.64 -20.19
CA SER A 79 5.52 -16.09 -18.93
C SER A 79 4.98 -14.71 -19.29
N VAL A 80 3.75 -14.42 -18.86
CA VAL A 80 3.07 -13.17 -19.14
C VAL A 80 2.47 -12.51 -17.90
N PRO A 81 2.54 -11.17 -17.80
CA PRO A 81 1.99 -10.50 -16.62
C PRO A 81 0.48 -10.76 -16.62
N ILE A 82 -0.09 -11.18 -15.49
CA ILE A 82 -1.53 -11.44 -15.46
C ILE A 82 -2.34 -10.19 -15.76
N SER A 83 -1.70 -9.03 -15.78
CA SER A 83 -2.41 -7.78 -16.08
C SER A 83 -2.63 -7.64 -17.59
N SER A 84 -2.07 -8.57 -18.37
CA SER A 84 -2.22 -8.57 -19.82
C SER A 84 -3.15 -9.70 -20.22
N LEU A 85 -3.74 -10.35 -19.23
CA LEU A 85 -4.65 -11.48 -19.46
C LEU A 85 -5.90 -11.40 -18.60
N TRP A 86 -6.95 -12.07 -19.06
CA TRP A 86 -8.16 -12.15 -18.27
C TRP A 86 -7.81 -13.24 -17.24
N VAL A 87 -8.27 -13.06 -16.02
CA VAL A 87 -7.98 -14.01 -14.96
C VAL A 87 -9.28 -14.33 -14.25
N PRO A 88 -9.45 -15.56 -13.75
CA PRO A 88 -10.69 -15.91 -13.05
C PRO A 88 -10.81 -15.05 -11.79
N ASP A 89 -12.02 -14.58 -11.49
CA ASP A 89 -12.28 -13.73 -10.33
C ASP A 89 -12.55 -14.59 -9.11
N LEU A 90 -11.59 -15.44 -8.78
CA LEU A 90 -11.71 -16.35 -7.63
C LEU A 90 -11.52 -15.59 -6.33
N ALA A 91 -12.17 -16.10 -5.29
CA ALA A 91 -12.11 -15.53 -3.95
C ALA A 91 -12.39 -16.63 -2.94
N ALA A 92 -11.73 -16.57 -1.78
CA ALA A 92 -11.96 -17.55 -0.75
C ALA A 92 -13.16 -17.05 0.05
N TYR A 93 -14.27 -17.75 -0.10
CA TYR A 93 -15.52 -17.37 0.58
C TYR A 93 -15.43 -17.21 2.09
N ASN A 94 -14.49 -17.90 2.73
CA ASN A 94 -14.36 -17.79 4.18
C ASN A 94 -13.08 -17.10 4.67
N ALA A 95 -12.43 -16.35 3.79
CA ALA A 95 -11.20 -15.64 4.16
C ALA A 95 -11.54 -14.38 4.96
N ILE A 96 -10.70 -14.05 5.95
CA ILE A 96 -10.92 -12.87 6.77
C ILE A 96 -9.79 -11.85 6.60
N SER A 97 -8.98 -12.04 5.57
CA SER A 97 -7.90 -11.11 5.25
C SER A 97 -7.76 -11.26 3.75
N LYS A 98 -7.39 -10.19 3.04
CA LYS A 98 -7.27 -10.36 1.61
C LYS A 98 -5.95 -11.09 1.34
N PRO A 99 -5.90 -11.86 0.25
CA PRO A 99 -4.74 -12.63 -0.15
C PRO A 99 -3.44 -11.83 -0.29
N GLU A 100 -2.37 -12.31 0.34
CA GLU A 100 -1.09 -11.64 0.22
C GLU A 100 -0.29 -12.48 -0.78
N VAL A 101 -0.27 -12.05 -2.04
CA VAL A 101 0.45 -12.79 -3.07
C VAL A 101 1.95 -12.63 -2.91
N LEU A 102 2.61 -13.73 -2.60
CA LEU A 102 4.05 -13.77 -2.36
C LEU A 102 4.96 -13.82 -3.59
N THR A 103 4.44 -14.24 -4.73
CA THR A 103 5.29 -14.36 -5.90
C THR A 103 4.95 -13.43 -7.07
N PRO A 104 5.89 -13.30 -8.02
CA PRO A 104 5.70 -12.45 -9.20
C PRO A 104 4.38 -12.81 -9.87
N GLN A 105 3.57 -11.80 -10.16
CA GLN A 105 2.28 -12.04 -10.77
C GLN A 105 2.36 -12.27 -12.27
N LEU A 106 2.92 -13.42 -12.61
CA LEU A 106 3.10 -13.83 -13.99
C LEU A 106 2.43 -15.17 -14.20
N ALA A 107 1.70 -15.29 -15.29
CA ALA A 107 1.03 -16.53 -15.66
C ALA A 107 1.88 -17.20 -16.72
N ARG A 108 1.57 -18.43 -17.05
CA ARG A 108 2.33 -19.15 -18.07
C ARG A 108 1.30 -19.43 -19.18
N VAL A 109 1.63 -19.09 -20.42
CA VAL A 109 0.71 -19.31 -21.52
C VAL A 109 1.30 -20.25 -22.58
N VAL A 110 0.57 -21.31 -22.89
CA VAL A 110 1.02 -22.30 -23.86
C VAL A 110 0.50 -21.91 -25.25
N SER A 111 1.25 -22.27 -26.29
CA SER A 111 0.86 -21.94 -27.66
C SER A 111 -0.55 -22.36 -28.02
N ASP A 112 -1.16 -23.23 -27.22
CA ASP A 112 -2.52 -23.68 -27.52
C ASP A 112 -3.58 -22.88 -26.75
N GLY A 113 -3.17 -21.80 -26.11
CA GLY A 113 -4.12 -20.96 -25.39
C GLY A 113 -4.37 -21.34 -23.94
N GLU A 114 -3.73 -22.39 -23.48
CA GLU A 114 -3.89 -22.82 -22.10
C GLU A 114 -3.14 -21.84 -21.21
N VAL A 115 -3.74 -21.51 -20.07
CA VAL A 115 -3.10 -20.59 -19.15
C VAL A 115 -2.95 -21.28 -17.80
N LEU A 116 -1.81 -21.03 -17.17
CA LEU A 116 -1.52 -21.56 -15.84
C LEU A 116 -0.97 -20.42 -14.97
N TYR A 117 -1.66 -20.17 -13.87
CA TYR A 117 -1.26 -19.13 -12.92
C TYR A 117 -1.19 -19.82 -11.56
N MET A 118 -0.01 -19.82 -10.96
CA MET A 118 0.20 -20.45 -9.67
C MET A 118 0.87 -19.53 -8.68
N PRO A 119 0.09 -18.64 -8.05
CA PRO A 119 0.71 -17.74 -7.10
C PRO A 119 0.78 -18.39 -5.72
N SER A 120 1.80 -18.03 -4.95
CA SER A 120 1.93 -18.52 -3.59
C SER A 120 1.21 -17.45 -2.77
N ILE A 121 0.18 -17.84 -2.06
CA ILE A 121 -0.62 -16.90 -1.28
C ILE A 121 -0.62 -17.18 0.21
N ARG A 122 -0.46 -16.11 1.00
CA ARG A 122 -0.54 -16.19 2.45
C ARG A 122 -1.87 -15.51 2.76
N GLN A 123 -2.74 -16.21 3.46
CA GLN A 123 -4.06 -15.68 3.75
C GLN A 123 -4.67 -16.20 5.06
N ARG A 124 -5.54 -15.39 5.65
CA ARG A 124 -6.19 -15.73 6.91
C ARG A 124 -7.62 -16.22 6.65
N PHE A 125 -7.98 -17.31 7.31
CA PHE A 125 -9.28 -17.92 7.15
C PHE A 125 -10.03 -18.23 8.43
N SER A 126 -11.36 -18.28 8.31
CA SER A 126 -12.26 -18.61 9.42
C SER A 126 -12.73 -20.03 9.16
N CYS A 127 -12.36 -20.95 10.04
CA CYS A 127 -12.75 -22.33 9.86
C CYS A 127 -12.60 -23.09 11.16
N ASP A 128 -13.01 -24.35 11.14
CA ASP A 128 -12.98 -25.22 12.31
C ASP A 128 -11.57 -25.63 12.73
N VAL A 129 -11.11 -25.11 13.86
CA VAL A 129 -9.79 -25.42 14.35
C VAL A 129 -9.86 -26.39 15.53
N SER A 130 -11.06 -26.83 15.88
CA SER A 130 -11.20 -27.73 17.01
C SER A 130 -10.55 -29.07 16.73
N GLY A 131 -9.98 -29.66 17.78
CA GLY A 131 -9.31 -30.94 17.65
C GLY A 131 -7.90 -30.79 17.11
N VAL A 132 -7.49 -29.57 16.78
CA VAL A 132 -6.15 -29.37 16.25
C VAL A 132 -5.03 -29.86 17.16
N ASP A 133 -5.32 -29.98 18.45
CA ASP A 133 -4.33 -30.44 19.40
C ASP A 133 -4.49 -31.94 19.72
N THR A 134 -5.29 -32.65 18.93
CA THR A 134 -5.50 -34.09 19.13
C THR A 134 -4.88 -34.93 18.02
N GLU A 135 -4.80 -36.24 18.21
CA GLU A 135 -4.19 -37.11 17.20
C GLU A 135 -4.91 -37.08 15.86
N SER A 136 -6.23 -36.99 15.89
CA SER A 136 -6.96 -36.96 14.63
C SER A 136 -6.89 -35.56 13.99
N GLY A 137 -6.51 -34.56 14.78
CA GLY A 137 -6.37 -33.22 14.27
C GLY A 137 -7.64 -32.45 14.00
N ALA A 138 -7.47 -31.27 13.40
CA ALA A 138 -8.59 -30.41 13.08
C ALA A 138 -8.83 -30.46 11.60
N THR A 139 -9.99 -30.02 11.17
CA THR A 139 -10.28 -30.02 9.75
C THR A 139 -10.81 -28.67 9.36
N CYS A 140 -9.95 -27.92 8.67
CA CYS A 140 -10.29 -26.59 8.20
C CYS A 140 -10.68 -26.66 6.73
N ARG A 141 -11.88 -26.17 6.42
CA ARG A 141 -12.35 -26.20 5.04
C ARG A 141 -12.27 -24.82 4.42
N ILE A 142 -11.74 -24.74 3.21
CA ILE A 142 -11.62 -23.49 2.51
C ILE A 142 -12.38 -23.58 1.20
N LYS A 143 -13.33 -22.66 1.01
CA LYS A 143 -14.13 -22.62 -0.20
C LYS A 143 -13.63 -21.53 -1.14
N ILE A 144 -13.30 -21.90 -2.37
CA ILE A 144 -12.81 -20.94 -3.35
C ILE A 144 -13.63 -21.05 -4.64
N GLY A 145 -14.09 -19.91 -5.14
CA GLY A 145 -14.87 -19.91 -6.36
C GLY A 145 -15.00 -18.49 -6.90
N SER A 146 -15.55 -18.36 -8.11
CA SER A 146 -15.74 -17.05 -8.73
C SER A 146 -16.62 -16.23 -7.80
N TRP A 147 -16.40 -14.92 -7.79
CA TRP A 147 -17.20 -14.06 -6.94
C TRP A 147 -18.45 -13.56 -7.68
N THR A 148 -18.31 -13.28 -8.97
CA THR A 148 -19.42 -12.75 -9.74
C THR A 148 -19.95 -13.58 -10.91
N HIS A 149 -19.20 -14.58 -11.34
CA HIS A 149 -19.64 -15.42 -12.46
C HIS A 149 -20.32 -16.70 -12.02
N HIS A 150 -21.63 -16.79 -12.23
CA HIS A 150 -22.36 -17.99 -11.85
C HIS A 150 -21.98 -19.17 -12.76
N SER A 151 -22.56 -20.33 -12.47
CA SER A 151 -22.28 -21.57 -13.21
C SER A 151 -22.31 -21.54 -14.74
N ARG A 152 -23.27 -20.86 -15.34
CA ARG A 152 -23.32 -20.83 -16.79
C ARG A 152 -22.14 -20.10 -17.40
N GLU A 153 -21.47 -19.26 -16.61
CA GLU A 153 -20.33 -18.52 -17.11
C GLU A 153 -19.01 -19.15 -16.69
N ILE A 154 -18.93 -19.62 -15.45
CA ILE A 154 -17.71 -20.24 -14.96
C ILE A 154 -17.95 -21.50 -14.15
N SER A 155 -17.20 -22.54 -14.46
CA SER A 155 -17.30 -23.79 -13.73
C SER A 155 -15.94 -23.98 -13.08
N VAL A 156 -15.95 -24.54 -11.88
CA VAL A 156 -14.71 -24.81 -11.15
C VAL A 156 -14.62 -26.26 -10.69
N ASP A 157 -13.49 -26.88 -10.99
CA ASP A 157 -13.25 -28.26 -10.60
C ASP A 157 -11.84 -28.46 -10.05
N PRO A 158 -11.69 -29.40 -9.10
CA PRO A 158 -10.39 -29.67 -8.50
C PRO A 158 -9.53 -30.54 -9.40
N THR A 159 -8.23 -30.27 -9.40
CA THR A 159 -7.31 -31.06 -10.19
C THR A 159 -7.11 -32.38 -9.43
N THR A 160 -8.18 -33.16 -9.31
CA THR A 160 -8.12 -34.43 -8.59
C THR A 160 -7.01 -35.34 -9.12
N GLU A 161 -5.83 -35.21 -8.53
CA GLU A 161 -4.67 -35.99 -8.90
C GLU A 161 -4.03 -36.61 -7.65
N ASN A 162 -4.09 -37.93 -7.55
CA ASN A 162 -3.53 -38.66 -6.41
C ASN A 162 -2.09 -38.23 -6.13
N SER A 163 -1.85 -37.65 -4.94
CA SER A 163 -0.49 -37.22 -4.60
C SER A 163 -0.23 -36.96 -3.11
N ASP A 164 1.00 -36.52 -2.81
CA ASP A 164 1.45 -36.23 -1.45
C ASP A 164 1.10 -34.82 -0.97
N ASP A 165 0.06 -34.73 -0.14
CA ASP A 165 -0.41 -33.46 0.40
C ASP A 165 0.72 -32.64 1.04
N SER A 166 1.65 -33.34 1.69
CA SER A 166 2.80 -32.72 2.36
C SER A 166 4.02 -32.58 1.46
N GLU A 167 3.86 -32.91 0.18
CA GLU A 167 4.96 -32.84 -0.77
C GLU A 167 5.80 -31.56 -0.67
N TYR A 168 5.14 -30.42 -0.67
CA TYR A 168 5.87 -29.15 -0.58
C TYR A 168 5.61 -28.42 0.74
N PHE A 169 5.08 -29.13 1.72
CA PHE A 169 4.78 -28.53 3.02
C PHE A 169 6.06 -28.32 3.84
N SER A 170 6.13 -27.19 4.52
CA SER A 170 7.31 -26.87 5.33
C SER A 170 7.52 -27.82 6.49
N GLN A 171 8.76 -28.31 6.61
CA GLN A 171 9.11 -29.22 7.67
C GLN A 171 9.30 -28.45 8.98
N TYR A 172 9.48 -27.14 8.86
CA TYR A 172 9.70 -26.30 10.04
C TYR A 172 8.42 -25.71 10.61
N SER A 173 7.29 -26.08 10.04
CA SER A 173 6.00 -25.64 10.52
C SER A 173 5.78 -26.32 11.87
N ARG A 174 4.94 -25.74 12.71
CA ARG A 174 4.66 -26.30 14.03
C ARG A 174 3.57 -27.33 13.86
N PHE A 175 3.05 -27.40 12.64
CA PHE A 175 1.98 -28.34 12.33
C PHE A 175 2.37 -29.27 11.21
N GLU A 176 1.51 -30.26 10.98
CA GLU A 176 1.72 -31.22 9.92
C GLU A 176 0.37 -31.54 9.28
N ILE A 177 0.42 -31.88 7.99
CA ILE A 177 -0.76 -32.20 7.22
C ILE A 177 -1.05 -33.68 7.37
N LEU A 178 -2.30 -34.02 7.64
CA LEU A 178 -2.68 -35.41 7.79
C LEU A 178 -3.35 -35.88 6.52
N ASP A 179 -4.02 -34.96 5.84
CA ASP A 179 -4.73 -35.28 4.62
C ASP A 179 -5.45 -34.06 4.05
N VAL A 180 -5.46 -33.95 2.73
CA VAL A 180 -6.13 -32.84 2.05
C VAL A 180 -7.01 -33.37 0.93
N THR A 181 -8.31 -33.12 1.01
CA THR A 181 -9.24 -33.56 -0.02
C THR A 181 -9.89 -32.33 -0.63
N GLN A 182 -10.10 -32.35 -1.94
CA GLN A 182 -10.67 -31.22 -2.63
C GLN A 182 -11.90 -31.66 -3.40
N LYS A 183 -13.06 -31.22 -2.94
CA LYS A 183 -14.33 -31.59 -3.54
C LYS A 183 -15.00 -30.44 -4.28
N LYS A 184 -15.70 -30.77 -5.37
CA LYS A 184 -16.41 -29.74 -6.12
C LYS A 184 -17.65 -29.42 -5.28
N ASN A 185 -18.28 -28.29 -5.54
CA ASN A 185 -19.46 -27.91 -4.78
C ASN A 185 -20.10 -26.70 -5.45
N SER A 186 -21.28 -26.31 -4.97
CA SER A 186 -21.97 -25.15 -5.54
C SER A 186 -22.71 -24.38 -4.44
N VAL A 187 -22.97 -23.11 -4.70
CA VAL A 187 -23.66 -22.23 -3.75
C VAL A 187 -24.63 -21.32 -4.48
N THR A 188 -25.92 -21.40 -4.12
CA THR A 188 -26.94 -20.53 -4.72
C THR A 188 -27.37 -19.54 -3.65
N TYR A 189 -27.50 -18.27 -4.02
CA TYR A 189 -27.88 -17.26 -3.04
C TYR A 189 -29.35 -16.86 -3.17
N SER A 190 -30.11 -17.07 -2.10
CA SER A 190 -31.53 -16.74 -2.02
C SER A 190 -32.02 -15.87 -3.19
N CYS A 191 -31.56 -14.62 -3.21
CA CYS A 191 -31.93 -13.65 -4.24
C CYS A 191 -32.28 -14.28 -5.56
N CYS A 192 -31.20 -14.43 -6.30
CA CYS A 192 -31.09 -14.93 -7.64
C CYS A 192 -31.17 -16.45 -7.77
N PRO A 193 -31.41 -16.93 -9.00
CA PRO A 193 -31.52 -18.37 -9.28
C PRO A 193 -30.16 -19.05 -9.46
N GLU A 194 -29.48 -18.70 -10.55
CA GLU A 194 -28.18 -19.28 -10.88
C GLU A 194 -27.31 -19.53 -9.65
N ALA A 195 -26.53 -20.61 -9.71
CA ALA A 195 -25.65 -21.00 -8.61
C ALA A 195 -24.19 -20.69 -8.92
N TYR A 196 -23.40 -20.56 -7.86
CA TYR A 196 -21.98 -20.27 -8.01
C TYR A 196 -21.13 -21.45 -7.60
N GLU A 197 -20.44 -22.02 -8.57
CA GLU A 197 -19.59 -23.18 -8.33
C GLU A 197 -18.39 -22.82 -7.47
N ASP A 198 -17.96 -23.77 -6.66
CA ASP A 198 -16.80 -23.55 -5.79
C ASP A 198 -16.10 -24.87 -5.50
N VAL A 199 -14.84 -24.79 -5.11
CA VAL A 199 -14.06 -25.97 -4.77
C VAL A 199 -13.84 -25.97 -3.25
N GLU A 200 -14.25 -27.06 -2.60
CA GLU A 200 -14.10 -27.17 -1.15
C GLU A 200 -12.88 -27.98 -0.76
N VAL A 201 -11.83 -27.27 -0.35
CA VAL A 201 -10.58 -27.88 0.08
C VAL A 201 -10.61 -28.14 1.58
N SER A 202 -10.55 -29.42 1.96
CA SER A 202 -10.56 -29.79 3.36
C SER A 202 -9.16 -30.13 3.85
N LEU A 203 -8.63 -29.30 4.73
CA LEU A 203 -7.31 -29.50 5.28
C LEU A 203 -7.40 -30.12 6.66
N ASN A 204 -6.97 -31.37 6.76
CA ASN A 204 -6.96 -32.08 8.03
C ASN A 204 -5.52 -31.96 8.52
N PHE A 205 -5.32 -31.17 9.58
CA PHE A 205 -3.99 -30.96 10.12
C PHE A 205 -4.06 -30.97 11.64
N ARG A 206 -2.90 -31.05 12.27
CA ARG A 206 -2.82 -31.06 13.72
C ARG A 206 -1.48 -30.50 14.20
N LYS A 207 -1.42 -30.15 15.48
CA LYS A 207 -0.19 -29.64 16.05
C LYS A 207 0.76 -30.84 16.15
N LYS A 208 1.99 -30.70 15.68
CA LYS A 208 2.93 -31.81 15.76
C LYS A 208 3.65 -31.79 17.10
N GLY A 209 3.75 -32.95 17.73
CA GLY A 209 4.41 -33.03 19.02
C GLY A 209 4.39 -34.39 19.67
N ARG A 210 5.53 -35.06 19.68
CA ARG A 210 5.65 -36.39 20.28
C ARG A 210 5.28 -36.36 21.77
N SER A 211 4.22 -37.09 22.13
CA SER A 211 3.74 -37.15 23.51
C SER A 211 2.70 -38.26 23.67
N ALA B 5 -24.70 -9.08 -30.61
CA ALA B 5 -23.27 -8.93 -30.20
C ALA B 5 -22.94 -9.85 -29.03
N ASP B 6 -21.65 -9.96 -28.72
CA ASP B 6 -21.19 -10.82 -27.62
C ASP B 6 -20.85 -9.99 -26.39
N ARG B 7 -20.02 -10.55 -25.53
CA ARG B 7 -19.61 -9.86 -24.30
C ARG B 7 -18.53 -8.83 -24.59
N ALA B 8 -17.67 -9.13 -25.55
CA ALA B 8 -16.59 -8.22 -25.91
C ALA B 8 -17.18 -6.90 -26.41
N ASP B 9 -18.36 -6.98 -27.02
CA ASP B 9 -19.04 -5.79 -27.53
C ASP B 9 -19.62 -5.02 -26.36
N ILE B 10 -20.42 -5.71 -25.55
CA ILE B 10 -21.06 -5.10 -24.40
C ILE B 10 -20.08 -4.31 -23.54
N LEU B 11 -18.88 -4.83 -23.34
CA LEU B 11 -17.90 -4.11 -22.54
C LEU B 11 -17.41 -2.88 -23.29
N TYR B 12 -17.11 -3.07 -24.57
CA TYR B 12 -16.63 -1.98 -25.39
C TYR B 12 -17.60 -0.81 -25.34
N ASN B 13 -18.86 -1.09 -25.67
CA ASN B 13 -19.90 -0.08 -25.68
C ASN B 13 -20.21 0.51 -24.31
N ILE B 14 -19.82 -0.21 -23.25
CA ILE B 14 -20.06 0.27 -21.90
C ILE B 14 -18.91 1.21 -21.55
N ARG B 15 -17.71 0.85 -21.99
CA ARG B 15 -16.54 1.67 -21.72
C ARG B 15 -16.67 3.03 -22.39
N GLN B 16 -17.51 3.10 -23.42
CA GLN B 16 -17.73 4.35 -24.14
C GLN B 16 -18.69 5.26 -23.37
N THR B 17 -19.97 4.89 -23.39
CA THR B 17 -21.03 5.67 -22.74
C THR B 17 -20.84 5.96 -21.26
N SER B 18 -20.12 5.08 -20.55
CA SER B 18 -19.90 5.27 -19.12
C SER B 18 -18.91 6.37 -18.77
N ARG B 19 -19.18 7.03 -17.65
CA ARG B 19 -18.35 8.09 -17.11
C ARG B 19 -18.26 7.85 -15.60
N PRO B 20 -17.27 7.04 -15.16
CA PRO B 20 -17.07 6.71 -13.76
C PRO B 20 -17.01 7.86 -12.75
N ASP B 21 -16.82 9.09 -13.22
CA ASP B 21 -16.78 10.21 -12.28
C ASP B 21 -17.96 11.14 -12.48
N VAL B 22 -18.97 10.66 -13.20
CA VAL B 22 -20.18 11.41 -13.47
C VAL B 22 -21.38 10.59 -12.95
N ILE B 23 -21.96 11.03 -11.84
CA ILE B 23 -23.10 10.36 -11.24
C ILE B 23 -24.29 10.41 -12.20
N PRO B 24 -24.81 9.25 -12.63
CA PRO B 24 -25.93 9.06 -13.56
C PRO B 24 -27.31 9.62 -13.17
N THR B 25 -27.35 10.87 -12.75
CA THR B 25 -28.62 11.50 -12.40
C THR B 25 -29.57 11.45 -13.60
N GLN B 26 -30.74 10.86 -13.38
CA GLN B 26 -31.77 10.73 -14.41
C GLN B 26 -32.64 11.98 -14.34
N ARG B 27 -32.91 12.60 -15.49
CA ARG B 27 -33.73 13.80 -15.50
C ARG B 27 -33.18 14.73 -14.44
N ASP B 28 -33.90 14.82 -13.33
CA ASP B 28 -33.51 15.65 -12.21
C ASP B 28 -34.05 15.04 -10.93
N ARG B 29 -33.39 13.98 -10.47
CA ARG B 29 -33.78 13.31 -9.25
C ARG B 29 -32.60 12.49 -8.76
N PRO B 30 -32.46 12.37 -7.43
CA PRO B 30 -31.36 11.61 -6.85
C PRO B 30 -31.27 10.19 -7.38
N VAL B 31 -30.05 9.66 -7.41
CA VAL B 31 -29.85 8.29 -7.86
C VAL B 31 -30.23 7.47 -6.65
N ALA B 32 -31.13 6.51 -6.84
CA ALA B 32 -31.57 5.67 -5.74
C ALA B 32 -30.54 4.57 -5.56
N VAL B 33 -29.88 4.58 -4.40
CA VAL B 33 -28.88 3.58 -4.08
C VAL B 33 -29.36 2.75 -2.90
N SER B 34 -29.40 1.43 -3.08
CA SER B 34 -29.82 0.53 -2.02
C SER B 34 -28.59 -0.07 -1.38
N VAL B 35 -28.58 -0.15 -0.06
CA VAL B 35 -27.46 -0.72 0.66
C VAL B 35 -27.98 -1.69 1.71
N SER B 36 -27.57 -2.94 1.59
CA SER B 36 -27.97 -3.99 2.51
C SER B 36 -26.69 -4.66 3.02
N LEU B 37 -26.60 -4.88 4.33
CA LEU B 37 -25.42 -5.51 4.87
C LEU B 37 -25.72 -6.94 5.31
N LYS B 38 -24.79 -7.84 4.99
CA LYS B 38 -24.87 -9.25 5.36
C LYS B 38 -23.59 -9.57 6.13
N PHE B 39 -23.72 -9.65 7.45
CA PHE B 39 -22.57 -9.92 8.31
C PHE B 39 -22.04 -11.33 8.17
N ILE B 40 -20.72 -11.44 7.97
CA ILE B 40 -20.07 -12.73 7.80
C ILE B 40 -19.27 -13.14 9.03
N ASN B 41 -18.66 -12.17 9.71
CA ASN B 41 -17.85 -12.48 10.87
C ASN B 41 -17.63 -11.28 11.77
N ILE B 42 -17.29 -11.56 13.02
CA ILE B 42 -16.98 -10.55 14.02
C ILE B 42 -15.69 -11.12 14.55
N LEU B 43 -14.60 -10.41 14.31
CA LEU B 43 -13.27 -10.91 14.67
C LEU B 43 -12.55 -10.41 15.92
N GLU B 44 -12.50 -9.10 16.11
CA GLU B 44 -11.80 -8.58 17.27
C GLU B 44 -12.67 -7.57 17.98
N VAL B 45 -13.14 -7.92 19.16
CA VAL B 45 -13.98 -7.03 19.91
C VAL B 45 -13.18 -6.53 21.10
N ASN B 46 -13.24 -5.23 21.33
CA ASN B 46 -12.54 -4.64 22.45
C ASN B 46 -13.52 -3.79 23.24
N GLU B 47 -14.10 -4.40 24.27
CA GLU B 47 -15.08 -3.73 25.09
C GLU B 47 -14.48 -2.55 25.85
N ILE B 48 -13.15 -2.48 25.89
CA ILE B 48 -12.48 -1.38 26.59
C ILE B 48 -12.28 -0.12 25.73
N THR B 49 -12.12 -0.31 24.42
CA THR B 49 -11.94 0.83 23.52
C THR B 49 -13.21 1.00 22.69
N ASN B 50 -14.12 0.05 22.81
CA ASN B 50 -15.35 0.08 22.06
C ASN B 50 -15.00 0.05 20.59
N GLU B 51 -14.29 -0.99 20.19
CA GLU B 51 -13.90 -1.15 18.80
C GLU B 51 -14.14 -2.59 18.39
N VAL B 52 -14.63 -2.79 17.18
CA VAL B 52 -14.89 -4.13 16.66
C VAL B 52 -14.47 -4.23 15.19
N ASP B 53 -13.95 -5.41 14.84
CA ASP B 53 -13.50 -5.73 13.50
C ASP B 53 -14.66 -6.49 12.90
N VAL B 54 -15.16 -6.05 11.76
CA VAL B 54 -16.30 -6.73 11.16
C VAL B 54 -16.03 -7.12 9.71
N VAL B 55 -16.63 -8.22 9.30
CA VAL B 55 -16.52 -8.72 7.94
C VAL B 55 -17.94 -8.83 7.42
N PHE B 56 -18.22 -8.23 6.27
CA PHE B 56 -19.57 -8.25 5.71
C PHE B 56 -19.62 -8.01 4.22
N TRP B 57 -20.69 -8.50 3.61
CA TRP B 57 -20.92 -8.33 2.20
C TRP B 57 -21.84 -7.12 2.09
N GLN B 58 -21.33 -6.04 1.51
CA GLN B 58 -22.10 -4.83 1.34
C GLN B 58 -22.82 -4.82 0.00
N ARG B 59 -24.01 -5.41 -0.03
CA ARG B 59 -24.80 -5.46 -1.25
C ARG B 59 -25.24 -4.05 -1.61
N THR B 60 -24.79 -3.57 -2.76
CA THR B 60 -25.13 -2.23 -3.23
C THR B 60 -25.77 -2.29 -4.61
N THR B 61 -26.95 -1.70 -4.72
CA THR B 61 -27.67 -1.68 -6.00
C THR B 61 -28.07 -0.27 -6.40
N TRP B 62 -28.11 -0.01 -7.69
CA TRP B 62 -28.50 1.28 -8.21
C TRP B 62 -28.61 1.13 -9.71
N SER B 63 -29.22 2.12 -10.36
CA SER B 63 -29.40 2.03 -11.80
C SER B 63 -28.66 3.14 -12.53
N ASP B 64 -28.06 2.77 -13.66
CA ASP B 64 -27.35 3.73 -14.49
C ASP B 64 -27.84 3.43 -15.90
N ARG B 65 -28.85 4.17 -16.34
CA ARG B 65 -29.41 3.95 -17.66
C ARG B 65 -28.46 4.27 -18.82
N THR B 66 -27.36 4.97 -18.54
CA THR B 66 -26.43 5.28 -19.62
C THR B 66 -25.65 4.02 -19.96
N LEU B 67 -25.94 2.93 -19.24
CA LEU B 67 -25.26 1.66 -19.46
C LEU B 67 -26.12 0.66 -20.23
N ALA B 68 -27.44 0.79 -20.10
CA ALA B 68 -28.41 -0.09 -20.74
C ALA B 68 -28.16 -0.44 -22.21
N TRP B 69 -28.43 -1.69 -22.59
CA TRP B 69 -28.26 -2.16 -23.96
C TRP B 69 -29.33 -3.18 -24.31
N ASP B 70 -29.34 -3.67 -25.55
CA ASP B 70 -30.32 -4.65 -25.99
C ASP B 70 -29.76 -6.06 -25.83
N SER B 71 -30.44 -6.86 -25.01
CA SER B 71 -30.01 -8.22 -24.73
C SER B 71 -30.85 -9.29 -25.40
N SER B 72 -31.43 -8.98 -26.55
CA SER B 72 -32.24 -9.95 -27.28
C SER B 72 -31.32 -10.98 -27.91
N HIS B 73 -30.24 -10.50 -28.51
CA HIS B 73 -29.24 -11.35 -29.17
C HIS B 73 -27.86 -11.16 -28.53
N SER B 74 -27.86 -10.94 -27.22
CA SER B 74 -26.64 -10.73 -26.45
C SER B 74 -26.97 -11.06 -25.00
N PRO B 75 -25.94 -11.27 -24.16
CA PRO B 75 -26.15 -11.60 -22.75
C PRO B 75 -26.91 -10.49 -22.01
N ASP B 76 -27.69 -10.87 -21.00
CA ASP B 76 -28.46 -9.91 -20.21
C ASP B 76 -27.63 -9.33 -19.08
N GLN B 77 -26.50 -9.97 -18.80
CA GLN B 77 -25.61 -9.54 -17.73
C GLN B 77 -24.15 -9.82 -18.00
N VAL B 78 -23.30 -8.93 -17.53
CA VAL B 78 -21.86 -9.10 -17.67
C VAL B 78 -21.20 -8.53 -16.42
N SER B 79 -19.99 -9.02 -16.12
CA SER B 79 -19.23 -8.54 -14.97
C SER B 79 -18.31 -7.45 -15.48
N VAL B 80 -18.29 -6.32 -14.79
CA VAL B 80 -17.47 -5.19 -15.20
C VAL B 80 -16.65 -4.62 -14.04
N PRO B 81 -15.38 -4.25 -14.29
CA PRO B 81 -14.52 -3.68 -13.23
C PRO B 81 -15.16 -2.38 -12.79
N ILE B 82 -15.23 -2.14 -11.48
CA ILE B 82 -15.87 -0.91 -11.02
C ILE B 82 -15.15 0.36 -11.45
N SER B 83 -13.90 0.23 -11.88
CA SER B 83 -13.15 1.40 -12.32
C SER B 83 -13.62 1.81 -13.70
N SER B 84 -14.53 1.02 -14.28
CA SER B 84 -15.09 1.31 -15.58
C SER B 84 -16.50 1.89 -15.54
N LEU B 85 -16.98 2.21 -14.34
CA LEU B 85 -18.32 2.81 -14.25
C LEU B 85 -18.46 3.64 -12.99
N TRP B 86 -19.50 4.47 -12.93
CA TRP B 86 -19.73 5.30 -11.76
C TRP B 86 -20.16 4.44 -10.58
N VAL B 87 -19.62 4.73 -9.41
CA VAL B 87 -19.92 4.00 -8.21
C VAL B 87 -20.19 4.99 -7.06
N PRO B 88 -21.21 4.72 -6.22
CA PRO B 88 -21.52 5.62 -5.11
C PRO B 88 -20.31 5.76 -4.20
N ASP B 89 -20.06 6.98 -3.73
CA ASP B 89 -18.95 7.22 -2.83
C ASP B 89 -19.45 7.02 -1.41
N LEU B 90 -19.82 5.79 -1.10
CA LEU B 90 -20.29 5.48 0.23
C LEU B 90 -19.14 5.51 1.23
N ALA B 91 -19.48 5.76 2.48
CA ALA B 91 -18.48 5.79 3.54
C ALA B 91 -19.16 5.35 4.82
N ALA B 92 -18.40 4.71 5.70
CA ALA B 92 -18.91 4.28 6.99
C ALA B 92 -18.47 5.39 7.92
N TYR B 93 -19.43 6.20 8.35
CA TYR B 93 -19.13 7.32 9.23
C TYR B 93 -18.34 7.00 10.50
N ASN B 94 -18.67 5.92 11.18
CA ASN B 94 -17.94 5.55 12.40
C ASN B 94 -16.83 4.51 12.19
N ALA B 95 -16.27 4.48 10.98
CA ALA B 95 -15.19 3.54 10.66
C ALA B 95 -13.88 4.15 11.11
N ILE B 96 -13.00 3.35 11.68
CA ILE B 96 -11.72 3.86 12.11
C ILE B 96 -10.55 3.30 11.31
N SER B 97 -10.87 2.60 10.22
CA SER B 97 -9.86 2.04 9.32
C SER B 97 -10.44 2.11 7.92
N LYS B 98 -9.60 2.10 6.91
CA LYS B 98 -10.09 2.11 5.54
C LYS B 98 -10.78 0.77 5.30
N PRO B 99 -11.72 0.71 4.37
CA PRO B 99 -12.39 -0.57 4.13
C PRO B 99 -11.47 -1.52 3.35
N GLU B 100 -11.16 -2.66 3.93
CA GLU B 100 -10.30 -3.67 3.30
C GLU B 100 -11.18 -4.54 2.41
N VAL B 101 -11.07 -4.37 1.09
CA VAL B 101 -11.89 -5.15 0.18
C VAL B 101 -11.26 -6.52 -0.04
N LEU B 102 -11.97 -7.56 0.37
CA LEU B 102 -11.47 -8.93 0.29
C LEU B 102 -11.67 -9.66 -1.03
N THR B 103 -12.60 -9.18 -1.83
CA THR B 103 -12.95 -9.80 -3.09
C THR B 103 -12.63 -9.00 -4.35
N PRO B 104 -12.61 -9.68 -5.51
CA PRO B 104 -12.34 -9.02 -6.79
C PRO B 104 -13.33 -7.87 -6.89
N GLN B 105 -12.87 -6.71 -7.35
CA GLN B 105 -13.73 -5.53 -7.43
C GLN B 105 -14.50 -5.38 -8.74
N LEU B 106 -15.34 -6.38 -8.99
CA LEU B 106 -16.19 -6.44 -10.18
C LEU B 106 -17.64 -6.21 -9.81
N ALA B 107 -18.38 -5.52 -10.68
CA ALA B 107 -19.79 -5.25 -10.46
C ALA B 107 -20.59 -6.02 -11.50
N ARG B 108 -21.87 -6.20 -11.21
CA ARG B 108 -22.74 -6.92 -12.11
C ARG B 108 -23.65 -5.90 -12.79
N VAL B 109 -23.62 -5.89 -14.12
CA VAL B 109 -24.43 -4.95 -14.89
C VAL B 109 -25.47 -5.65 -15.78
N VAL B 110 -26.73 -5.26 -15.63
CA VAL B 110 -27.81 -5.83 -16.43
C VAL B 110 -28.09 -4.88 -17.61
N SER B 111 -28.54 -5.43 -18.73
CA SER B 111 -28.80 -4.62 -19.94
C SER B 111 -29.84 -3.50 -19.80
N ASP B 112 -30.56 -3.48 -18.69
CA ASP B 112 -31.56 -2.43 -18.50
C ASP B 112 -30.94 -1.31 -17.69
N GLY B 113 -29.68 -1.49 -17.31
CA GLY B 113 -28.99 -0.47 -16.55
C GLY B 113 -28.89 -0.73 -15.06
N GLU B 114 -29.57 -1.75 -14.56
CA GLU B 114 -29.47 -2.06 -13.14
C GLU B 114 -28.04 -2.51 -12.86
N VAL B 115 -27.49 -2.02 -11.75
CA VAL B 115 -26.14 -2.36 -11.38
C VAL B 115 -26.08 -2.91 -9.98
N LEU B 116 -25.23 -3.91 -9.79
CA LEU B 116 -25.06 -4.52 -8.48
C LEU B 116 -23.58 -4.64 -8.19
N TYR B 117 -23.21 -4.33 -6.95
CA TYR B 117 -21.83 -4.40 -6.52
C TYR B 117 -21.88 -4.92 -5.10
N MET B 118 -21.25 -6.06 -4.84
CA MET B 118 -21.31 -6.60 -3.50
C MET B 118 -19.98 -7.11 -2.97
N PRO B 119 -19.11 -6.19 -2.56
CA PRO B 119 -17.81 -6.60 -2.03
C PRO B 119 -17.91 -7.08 -0.60
N SER B 120 -16.95 -7.94 -0.25
CA SER B 120 -16.84 -8.46 1.10
C SER B 120 -15.81 -7.51 1.66
N ILE B 121 -16.20 -6.77 2.70
CA ILE B 121 -15.31 -5.81 3.30
C ILE B 121 -14.96 -6.17 4.74
N ARG B 122 -13.74 -5.83 5.14
CA ARG B 122 -13.30 -6.09 6.50
C ARG B 122 -12.98 -4.71 7.01
N GLN B 123 -13.63 -4.30 8.10
CA GLN B 123 -13.42 -2.97 8.63
C GLN B 123 -13.58 -2.88 10.13
N ARG B 124 -12.88 -1.93 10.72
CA ARG B 124 -12.94 -1.71 12.16
C ARG B 124 -13.76 -0.47 12.43
N PHE B 125 -14.66 -0.56 13.41
CA PHE B 125 -15.56 0.54 13.77
C PHE B 125 -15.51 0.96 15.24
N SER B 126 -15.95 2.19 15.48
CA SER B 126 -16.06 2.74 16.81
C SER B 126 -17.57 2.63 17.08
N CYS B 127 -17.95 1.89 18.12
CA CYS B 127 -19.36 1.72 18.44
C CYS B 127 -19.58 1.12 19.82
N ASP B 128 -20.85 1.05 20.23
CA ASP B 128 -21.18 0.49 21.54
C ASP B 128 -20.94 -1.01 21.58
N VAL B 129 -19.88 -1.39 22.28
CA VAL B 129 -19.48 -2.79 22.41
C VAL B 129 -19.84 -3.35 23.81
N SER B 130 -20.10 -2.46 24.75
CA SER B 130 -20.45 -2.86 26.10
C SER B 130 -21.69 -3.76 26.04
N GLY B 131 -21.67 -4.83 26.83
CA GLY B 131 -22.78 -5.75 26.85
C GLY B 131 -22.54 -6.97 25.99
N VAL B 132 -21.41 -6.98 25.28
CA VAL B 132 -21.07 -8.10 24.40
C VAL B 132 -21.03 -9.43 25.17
N ASP B 133 -20.63 -9.37 26.44
CA ASP B 133 -20.56 -10.57 27.27
C ASP B 133 -21.68 -10.51 28.32
N THR B 134 -22.91 -10.47 27.82
CA THR B 134 -24.11 -10.44 28.65
C THR B 134 -25.20 -11.05 27.78
N GLU B 135 -26.27 -11.54 28.40
CA GLU B 135 -27.34 -12.16 27.64
C GLU B 135 -27.92 -11.27 26.57
N SER B 136 -28.18 -10.00 26.91
CA SER B 136 -28.75 -9.06 25.96
C SER B 136 -27.77 -8.75 24.83
N GLY B 137 -26.49 -8.91 25.12
CA GLY B 137 -25.47 -8.64 24.12
C GLY B 137 -25.21 -7.16 23.93
N ALA B 138 -24.32 -6.84 23.00
CA ALA B 138 -23.98 -5.46 22.72
C ALA B 138 -24.67 -5.07 21.43
N THR B 139 -24.87 -3.77 21.24
CA THR B 139 -25.48 -3.28 20.01
C THR B 139 -24.51 -2.29 19.40
N CYS B 140 -23.96 -2.66 18.25
CA CYS B 140 -23.01 -1.81 17.54
C CYS B 140 -23.74 -1.27 16.32
N ARG B 141 -23.80 0.05 16.19
N ARG B 141 -23.80 0.05 16.20
CA ARG B 141 -24.46 0.69 15.06
CA ARG B 141 -24.46 0.69 15.06
C ARG B 141 -23.46 1.20 14.04
C ARG B 141 -23.45 1.18 14.04
N ILE B 142 -23.73 0.94 12.77
CA ILE B 142 -22.85 1.36 11.69
C ILE B 142 -23.58 2.31 10.74
N LYS B 143 -23.01 3.50 10.53
CA LYS B 143 -23.63 4.50 9.65
C LYS B 143 -22.96 4.53 8.28
N ILE B 144 -23.75 4.34 7.23
CA ILE B 144 -23.23 4.32 5.88
C ILE B 144 -24.07 5.21 4.95
N GLY B 145 -23.39 6.08 4.21
CA GLY B 145 -24.07 6.96 3.30
C GLY B 145 -23.03 7.61 2.42
N SER B 146 -23.50 8.38 1.42
CA SER B 146 -22.59 9.05 0.51
C SER B 146 -21.79 10.09 1.26
N TRP B 147 -20.56 10.33 0.82
CA TRP B 147 -19.75 11.30 1.50
C TRP B 147 -19.88 12.71 0.94
N THR B 148 -20.11 12.84 -0.37
CA THR B 148 -20.19 14.17 -1.00
C THR B 148 -21.47 14.45 -1.77
N HIS B 149 -22.32 13.46 -1.93
CA HIS B 149 -23.57 13.64 -2.65
C HIS B 149 -24.74 13.74 -1.68
N HIS B 150 -25.32 14.93 -1.56
CA HIS B 150 -26.45 15.14 -0.64
C HIS B 150 -27.72 14.45 -1.15
N SER B 151 -28.77 14.53 -0.35
CA SER B 151 -30.06 13.88 -0.64
C SER B 151 -30.69 14.06 -2.02
N ARG B 152 -30.41 15.18 -2.70
CA ARG B 152 -30.99 15.39 -4.02
C ARG B 152 -30.16 14.77 -5.12
N GLU B 153 -28.95 14.35 -4.78
CA GLU B 153 -28.07 13.72 -5.76
C GLU B 153 -28.06 12.20 -5.48
N ILE B 154 -28.06 11.84 -4.20
CA ILE B 154 -28.08 10.45 -3.79
C ILE B 154 -29.00 10.23 -2.59
N SER B 155 -29.84 9.20 -2.68
CA SER B 155 -30.71 8.86 -1.57
C SER B 155 -30.35 7.40 -1.27
N VAL B 156 -30.19 7.08 0.00
CA VAL B 156 -29.84 5.71 0.37
C VAL B 156 -30.94 5.08 1.21
N ASP B 157 -31.40 3.91 0.79
CA ASP B 157 -32.44 3.19 1.51
C ASP B 157 -32.08 1.73 1.64
N PRO B 158 -32.26 1.17 2.85
CA PRO B 158 -31.97 -0.23 3.16
C PRO B 158 -32.87 -1.19 2.42
N THR B 159 -32.29 -1.96 1.49
CA THR B 159 -33.04 -2.93 0.73
C THR B 159 -33.79 -3.83 1.72
N THR B 160 -35.03 -3.46 1.98
CA THR B 160 -35.88 -4.20 2.91
C THR B 160 -36.12 -5.62 2.43
N GLU B 161 -35.52 -6.58 3.14
CA GLU B 161 -35.66 -7.97 2.81
C GLU B 161 -35.60 -8.81 4.07
N ASN B 162 -36.76 -9.30 4.51
CA ASN B 162 -36.86 -10.12 5.70
C ASN B 162 -36.01 -11.37 5.51
N SER B 163 -34.71 -11.24 5.76
CA SER B 163 -33.79 -12.36 5.59
C SER B 163 -33.10 -12.77 6.88
N ASP B 164 -32.78 -14.05 7.00
CA ASP B 164 -32.12 -14.59 8.19
C ASP B 164 -30.84 -13.82 8.46
N ASP B 165 -30.77 -13.18 9.64
CA ASP B 165 -29.62 -12.38 10.02
C ASP B 165 -28.28 -13.10 9.95
N SER B 166 -28.21 -14.31 10.51
CA SER B 166 -26.97 -15.09 10.50
C SER B 166 -26.93 -16.09 9.34
N GLU B 167 -27.64 -15.76 8.27
CA GLU B 167 -27.73 -16.59 7.08
C GLU B 167 -26.36 -16.96 6.53
N TYR B 168 -25.43 -16.01 6.57
CA TYR B 168 -24.08 -16.24 6.05
C TYR B 168 -23.04 -16.01 7.13
N PHE B 169 -23.49 -15.94 8.37
CA PHE B 169 -22.57 -15.71 9.47
C PHE B 169 -21.79 -16.96 9.85
N SER B 170 -20.47 -16.90 9.73
CA SER B 170 -19.60 -18.01 10.06
C SER B 170 -20.02 -18.71 11.36
N GLN B 171 -20.15 -20.02 11.29
CA GLN B 171 -20.56 -20.81 12.45
C GLN B 171 -19.38 -20.97 13.39
N TYR B 172 -18.20 -20.58 12.92
CA TYR B 172 -16.99 -20.74 13.71
C TYR B 172 -16.60 -19.51 14.52
N SER B 173 -17.31 -18.41 14.31
CA SER B 173 -17.04 -17.17 15.04
C SER B 173 -17.34 -17.33 16.53
N ARG B 174 -16.59 -16.60 17.36
CA ARG B 174 -16.80 -16.66 18.80
C ARG B 174 -18.10 -15.99 19.16
N PHE B 175 -18.68 -15.27 18.20
CA PHE B 175 -19.92 -14.55 18.45
C PHE B 175 -21.13 -15.09 17.69
N GLU B 176 -22.29 -14.64 18.14
CA GLU B 176 -23.55 -15.01 17.51
C GLU B 176 -24.32 -13.72 17.34
N ILE B 177 -25.06 -13.60 16.25
CA ILE B 177 -25.83 -12.39 16.00
C ILE B 177 -27.23 -12.53 16.59
N LEU B 178 -27.54 -11.69 17.58
CA LEU B 178 -28.87 -11.75 18.20
C LEU B 178 -29.89 -11.15 17.24
N ASP B 179 -29.53 -10.04 16.62
CA ASP B 179 -30.44 -9.40 15.69
C ASP B 179 -29.86 -8.19 14.95
N VAL B 180 -30.21 -8.09 13.68
CA VAL B 180 -29.75 -6.98 12.85
C VAL B 180 -30.93 -6.22 12.27
N THR B 181 -30.90 -4.90 12.42
CA THR B 181 -31.97 -4.08 11.88
C THR B 181 -31.37 -2.92 11.11
N GLN B 182 -31.88 -2.69 9.91
CA GLN B 182 -31.41 -1.62 9.04
C GLN B 182 -32.43 -0.48 9.00
N LYS B 183 -31.95 0.73 9.31
CA LYS B 183 -32.79 1.93 9.34
C LYS B 183 -32.23 3.02 8.41
N LYS B 184 -33.06 4.00 8.07
CA LYS B 184 -32.65 5.10 7.20
C LYS B 184 -32.71 6.45 7.95
N ASN B 185 -31.73 7.31 7.73
CA ASN B 185 -31.71 8.60 8.40
C ASN B 185 -31.46 9.75 7.43
N SER B 186 -31.17 10.92 7.98
CA SER B 186 -30.91 12.10 7.17
C SER B 186 -30.26 13.18 8.04
N VAL B 187 -29.02 13.54 7.72
CA VAL B 187 -28.30 14.54 8.50
C VAL B 187 -27.99 15.80 7.70
N THR B 188 -28.14 16.95 8.34
CA THR B 188 -27.83 18.21 7.70
C THR B 188 -26.66 18.82 8.46
N TYR B 189 -25.60 19.20 7.75
CA TYR B 189 -24.44 19.77 8.42
C TYR B 189 -24.29 21.27 8.18
N SER B 190 -23.22 21.84 8.73
CA SER B 190 -22.95 23.27 8.61
C SER B 190 -22.49 23.69 7.22
N CYS B 191 -21.73 22.82 6.56
CA CYS B 191 -21.21 23.12 5.22
C CYS B 191 -22.29 23.50 4.26
N CYS B 192 -23.35 22.72 4.31
CA CYS B 192 -24.40 22.84 3.34
C CYS B 192 -25.81 22.84 3.92
N PRO B 193 -26.75 23.48 3.22
CA PRO B 193 -28.13 23.53 3.71
C PRO B 193 -28.91 22.25 3.40
N GLU B 194 -28.39 21.43 2.50
CA GLU B 194 -29.06 20.19 2.12
C GLU B 194 -28.70 18.99 2.99
N ALA B 195 -29.59 18.01 3.02
CA ALA B 195 -29.41 16.83 3.84
C ALA B 195 -28.65 15.68 3.19
N TYR B 196 -27.94 14.92 4.02
CA TYR B 196 -27.20 13.76 3.59
C TYR B 196 -27.88 12.54 4.18
N GLU B 197 -28.33 11.65 3.31
CA GLU B 197 -28.98 10.44 3.75
C GLU B 197 -27.98 9.37 4.12
N ASP B 198 -28.41 8.46 4.99
CA ASP B 198 -27.54 7.39 5.41
C ASP B 198 -28.39 6.24 5.91
N VAL B 199 -27.75 5.12 6.17
CA VAL B 199 -28.43 3.96 6.68
C VAL B 199 -27.72 3.49 7.94
N GLU B 200 -28.48 3.37 9.02
CA GLU B 200 -27.92 2.91 10.28
C GLU B 200 -28.23 1.43 10.40
N VAL B 201 -27.18 0.63 10.48
CA VAL B 201 -27.30 -0.81 10.63
C VAL B 201 -26.91 -1.15 12.05
N SER B 202 -27.89 -1.58 12.85
CA SER B 202 -27.64 -1.93 14.24
C SER B 202 -27.48 -3.44 14.36
N LEU B 203 -26.26 -3.85 14.71
CA LEU B 203 -25.95 -5.26 14.87
C LEU B 203 -25.94 -5.64 16.33
N ASN B 204 -26.91 -6.45 16.74
CA ASN B 204 -26.99 -6.90 18.12
C ASN B 204 -26.33 -8.26 18.19
N PHE B 205 -25.22 -8.35 18.93
CA PHE B 205 -24.49 -9.60 19.04
C PHE B 205 -23.93 -9.82 20.44
N ARG B 206 -23.51 -11.04 20.73
CA ARG B 206 -22.94 -11.36 22.03
C ARG B 206 -21.97 -12.53 21.90
N LYS B 207 -21.28 -12.84 23.00
CA LYS B 207 -20.35 -13.96 23.01
C LYS B 207 -21.16 -15.24 23.20
N LYS B 208 -20.71 -16.32 22.55
CA LYS B 208 -21.37 -17.61 22.68
C LYS B 208 -20.77 -18.36 23.88
N GLY B 209 -21.46 -19.40 24.32
CA GLY B 209 -20.97 -20.20 25.44
C GLY B 209 -20.95 -19.52 26.80
N ARG B 210 -21.79 -18.51 27.01
CA ARG B 210 -21.84 -17.83 28.30
C ARG B 210 -22.58 -18.72 29.31
N SER B 211 -22.19 -18.63 30.59
CA SER B 211 -22.81 -19.43 31.64
C SER B 211 -24.25 -18.99 31.84
N GLU B 212 -25.11 -19.95 32.16
CA GLU B 212 -26.53 -19.67 32.39
C GLU B 212 -26.86 -19.58 33.87
N ILE B 213 -27.78 -18.69 34.21
CA ILE B 213 -28.19 -18.46 35.61
C ILE B 213 -29.63 -18.88 35.87
N ALA C 5 -25.43 23.30 -19.68
CA ALA C 5 -24.94 21.90 -19.92
C ALA C 5 -25.18 21.04 -18.68
N ASP C 6 -25.03 19.73 -18.83
CA ASP C 6 -25.23 18.79 -17.72
C ASP C 6 -23.99 18.58 -16.83
N ARG C 7 -24.07 17.66 -15.88
N ARG C 7 -24.07 17.66 -15.88
CA ARG C 7 -22.96 17.38 -14.97
CA ARG C 7 -22.94 17.39 -14.98
C ARG C 7 -21.74 16.84 -15.69
C ARG C 7 -21.73 16.87 -15.72
N ALA C 8 -21.97 16.10 -16.78
CA ALA C 8 -20.86 15.53 -17.56
C ALA C 8 -20.02 16.61 -18.24
N ASP C 9 -20.68 17.60 -18.83
CA ASP C 9 -19.96 18.68 -19.49
C ASP C 9 -19.18 19.45 -18.42
N ILE C 10 -19.82 19.68 -17.29
CA ILE C 10 -19.17 20.39 -16.19
C ILE C 10 -17.90 19.64 -15.81
N LEU C 11 -18.07 18.36 -15.47
CA LEU C 11 -16.93 17.54 -15.08
C LEU C 11 -15.92 17.47 -16.23
N TYR C 12 -16.42 17.50 -17.47
CA TYR C 12 -15.51 17.47 -18.61
C TYR C 12 -14.64 18.71 -18.64
N ASN C 13 -15.28 19.87 -18.49
CA ASN C 13 -14.54 21.12 -18.51
C ASN C 13 -13.59 21.25 -17.33
N ILE C 14 -14.05 20.90 -16.13
CA ILE C 14 -13.20 20.99 -14.96
C ILE C 14 -11.90 20.21 -15.20
N ARG C 15 -12.05 18.99 -15.68
CA ARG C 15 -10.93 18.11 -15.97
C ARG C 15 -10.04 18.68 -17.08
N GLN C 16 -10.63 19.44 -17.98
CA GLN C 16 -9.90 20.02 -19.10
C GLN C 16 -9.22 21.38 -18.84
N THR C 17 -9.57 22.06 -17.76
CA THR C 17 -8.94 23.34 -17.48
C THR C 17 -8.17 23.37 -16.15
N SER C 18 -8.29 22.30 -15.38
CA SER C 18 -7.62 22.22 -14.09
C SER C 18 -6.14 21.94 -14.18
N ARG C 19 -5.36 22.71 -13.45
CA ARG C 19 -3.91 22.53 -13.42
C ARG C 19 -3.57 22.05 -12.01
N PRO C 20 -3.65 20.74 -11.77
CA PRO C 20 -3.36 20.21 -10.44
C PRO C 20 -2.02 20.58 -9.81
N ASP C 21 -1.02 20.94 -10.62
CA ASP C 21 0.28 21.30 -10.08
C ASP C 21 0.56 22.82 -9.99
N VAL C 22 -0.41 23.65 -10.37
CA VAL C 22 -0.22 25.09 -10.35
C VAL C 22 -1.13 25.76 -9.32
N ILE C 23 -0.53 26.47 -8.38
CA ILE C 23 -1.29 27.16 -7.36
C ILE C 23 -2.15 28.26 -7.98
N PRO C 24 -3.47 28.15 -7.85
CA PRO C 24 -4.46 29.09 -8.39
C PRO C 24 -4.45 30.49 -7.78
N THR C 25 -3.38 31.22 -8.06
CA THR C 25 -3.22 32.57 -7.54
C THR C 25 -3.77 33.65 -8.45
N GLN C 26 -4.81 34.34 -7.98
CA GLN C 26 -5.42 35.43 -8.73
C GLN C 26 -4.65 36.70 -8.37
N ARG C 27 -4.09 37.36 -9.37
CA ARG C 27 -3.29 38.56 -9.13
C ARG C 27 -2.04 38.15 -8.36
N ASP C 28 -1.61 38.99 -7.42
CA ASP C 28 -0.42 38.68 -6.65
C ASP C 28 -0.74 38.24 -5.23
N ARG C 29 -2.03 38.14 -4.92
CA ARG C 29 -2.43 37.71 -3.59
C ARG C 29 -2.31 36.20 -3.43
N PRO C 30 -2.01 35.73 -2.21
CA PRO C 30 -1.89 34.29 -2.00
C PRO C 30 -3.23 33.61 -2.14
N VAL C 31 -3.25 32.28 -2.12
CA VAL C 31 -4.51 31.57 -2.22
C VAL C 31 -5.06 31.48 -0.79
N ALA C 32 -6.28 31.95 -0.60
CA ALA C 32 -6.91 31.95 0.71
C ALA C 32 -7.49 30.58 1.03
N VAL C 33 -6.85 29.86 1.95
CA VAL C 33 -7.32 28.54 2.34
C VAL C 33 -7.83 28.53 3.77
N SER C 34 -9.01 27.94 3.95
CA SER C 34 -9.62 27.83 5.27
C SER C 34 -9.55 26.37 5.71
N VAL C 35 -9.03 26.16 6.92
CA VAL C 35 -8.92 24.82 7.48
C VAL C 35 -9.59 24.75 8.85
N SER C 36 -10.52 23.81 8.99
CA SER C 36 -11.27 23.62 10.24
C SER C 36 -11.37 22.14 10.61
N LEU C 37 -10.93 21.80 11.82
CA LEU C 37 -10.97 20.40 12.28
C LEU C 37 -12.18 20.08 13.15
N LYS C 38 -12.83 18.95 12.84
CA LYS C 38 -13.97 18.50 13.63
C LYS C 38 -13.64 17.11 14.16
N PHE C 39 -13.28 17.06 15.44
CA PHE C 39 -12.91 15.81 16.09
C PHE C 39 -14.01 14.78 16.16
N ILE C 40 -13.70 13.60 15.64
CA ILE C 40 -14.63 12.51 15.60
C ILE C 40 -14.29 11.43 16.61
N ASN C 41 -13.03 11.35 17.02
CA ASN C 41 -12.66 10.31 17.99
C ASN C 41 -11.24 10.48 18.48
N ILE C 42 -10.94 9.83 19.60
CA ILE C 42 -9.61 9.83 20.18
C ILE C 42 -9.41 8.35 20.49
N LEU C 43 -8.74 7.66 19.57
CA LEU C 43 -8.52 6.21 19.62
C LEU C 43 -7.47 5.61 20.56
N GLU C 44 -6.34 6.26 20.70
CA GLU C 44 -5.32 5.73 21.59
C GLU C 44 -4.48 6.88 22.07
N VAL C 45 -4.21 6.88 23.36
CA VAL C 45 -3.45 7.93 24.01
C VAL C 45 -2.42 7.29 24.90
N ASN C 46 -1.24 7.88 24.97
CA ASN C 46 -0.16 7.36 25.79
C ASN C 46 0.44 8.54 26.52
N GLU C 47 0.23 8.60 27.83
CA GLU C 47 0.74 9.73 28.59
C GLU C 47 2.24 9.76 28.77
N ILE C 48 2.85 8.59 28.77
CA ILE C 48 4.29 8.46 28.95
C ILE C 48 5.08 8.95 27.74
N THR C 49 4.60 8.62 26.54
CA THR C 49 5.29 9.00 25.31
C THR C 49 4.73 10.25 24.64
N ASN C 50 3.69 10.83 25.21
CA ASN C 50 3.09 12.02 24.61
C ASN C 50 2.79 11.76 23.15
N GLU C 51 1.89 10.82 22.90
CA GLU C 51 1.49 10.47 21.54
C GLU C 51 0.01 10.15 21.53
N VAL C 52 -0.70 10.61 20.51
CA VAL C 52 -2.12 10.35 20.44
C VAL C 52 -2.54 9.95 19.04
N ASP C 53 -3.57 9.11 18.98
CA ASP C 53 -4.11 8.64 17.73
C ASP C 53 -5.51 9.24 17.69
N VAL C 54 -5.76 10.08 16.70
CA VAL C 54 -7.05 10.76 16.59
C VAL C 54 -7.69 10.73 15.21
N VAL C 55 -9.03 10.78 15.19
CA VAL C 55 -9.77 10.83 13.93
C VAL C 55 -10.49 12.18 13.91
N PHE C 56 -10.44 12.88 12.78
CA PHE C 56 -11.09 14.17 12.64
C PHE C 56 -11.42 14.47 11.19
N TRP C 57 -12.39 15.36 10.97
CA TRP C 57 -12.78 15.77 9.63
C TRP C 57 -12.03 17.07 9.34
N GLN C 58 -11.17 17.08 8.32
CA GLN C 58 -10.39 18.27 8.02
C GLN C 58 -11.02 19.19 6.98
N ARG C 59 -12.10 19.88 7.36
CA ARG C 59 -12.79 20.81 6.45
C ARG C 59 -11.79 21.79 5.84
N THR C 60 -11.64 21.74 4.53
CA THR C 60 -10.68 22.58 3.81
C THR C 60 -11.35 23.33 2.67
N THR C 61 -11.14 24.64 2.59
CA THR C 61 -11.75 25.44 1.53
C THR C 61 -10.79 26.43 0.89
N TRP C 62 -10.98 26.65 -0.41
CA TRP C 62 -10.16 27.57 -1.18
C TRP C 62 -10.89 27.86 -2.48
N SER C 63 -10.38 28.80 -3.25
CA SER C 63 -11.01 29.18 -4.50
C SER C 63 -10.10 29.01 -5.71
N ASP C 64 -10.70 28.62 -6.85
CA ASP C 64 -10.00 28.46 -8.12
C ASP C 64 -10.99 28.94 -9.21
N ARG C 65 -10.89 30.21 -9.57
CA ARG C 65 -11.78 30.82 -10.57
C ARG C 65 -11.81 30.21 -11.97
N THR C 66 -10.69 29.63 -12.40
CA THR C 66 -10.62 29.04 -13.73
C THR C 66 -11.63 27.90 -13.89
N LEU C 67 -12.04 27.32 -12.77
CA LEU C 67 -12.99 26.21 -12.78
C LEU C 67 -14.46 26.63 -12.90
N ALA C 68 -14.74 27.90 -12.60
CA ALA C 68 -16.11 28.44 -12.64
C ALA C 68 -16.82 28.26 -13.96
N TRP C 69 -18.13 28.04 -13.87
CA TRP C 69 -18.98 27.87 -15.05
C TRP C 69 -20.32 28.56 -14.76
N ASP C 70 -21.13 28.75 -15.79
CA ASP C 70 -22.41 29.43 -15.64
C ASP C 70 -23.52 28.48 -15.20
N SER C 71 -23.93 28.60 -13.94
CA SER C 71 -24.96 27.73 -13.38
C SER C 71 -26.38 28.24 -13.58
N SER C 72 -26.59 29.12 -14.56
CA SER C 72 -27.92 29.65 -14.81
C SER C 72 -28.89 28.50 -15.04
N HIS C 73 -28.56 27.65 -16.00
CA HIS C 73 -29.40 26.51 -16.34
C HIS C 73 -28.61 25.21 -16.30
N SER C 74 -27.97 24.96 -15.16
CA SER C 74 -27.19 23.75 -14.98
C SER C 74 -26.78 23.61 -13.53
N PRO C 75 -26.38 22.40 -13.11
CA PRO C 75 -25.95 22.20 -11.72
C PRO C 75 -24.82 23.14 -11.38
N ASP C 76 -24.82 23.69 -10.17
CA ASP C 76 -23.75 24.61 -9.76
C ASP C 76 -22.86 23.99 -8.67
N GLN C 77 -22.86 22.67 -8.62
CA GLN C 77 -22.04 21.91 -7.68
C GLN C 77 -21.94 20.46 -8.12
N VAL C 78 -20.69 19.99 -8.21
CA VAL C 78 -20.42 18.62 -8.60
C VAL C 78 -19.32 18.03 -7.71
N SER C 79 -19.26 16.71 -7.67
CA SER C 79 -18.25 16.03 -6.89
C SER C 79 -17.09 15.76 -7.84
N VAL C 80 -15.87 16.03 -7.39
CA VAL C 80 -14.70 15.85 -8.24
C VAL C 80 -13.53 15.17 -7.52
N PRO C 81 -12.90 14.17 -8.18
CA PRO C 81 -11.77 13.45 -7.59
C PRO C 81 -10.69 14.51 -7.37
N ILE C 82 -10.08 14.54 -6.18
CA ILE C 82 -9.06 15.55 -5.92
C ILE C 82 -7.81 15.37 -6.77
N SER C 83 -7.64 14.20 -7.38
CA SER C 83 -6.47 13.99 -8.24
C SER C 83 -6.62 14.85 -9.51
N SER C 84 -7.84 15.30 -9.78
CA SER C 84 -8.11 16.15 -10.94
C SER C 84 -8.00 17.63 -10.57
N LEU C 85 -7.68 17.94 -9.32
CA LEU C 85 -7.61 19.34 -8.88
C LEU C 85 -6.35 19.73 -8.15
N TRP C 86 -6.08 21.04 -8.07
CA TRP C 86 -4.95 21.52 -7.31
C TRP C 86 -5.47 21.52 -5.89
N VAL C 87 -4.70 20.98 -4.97
CA VAL C 87 -5.11 20.91 -3.59
C VAL C 87 -3.96 21.50 -2.80
N PRO C 88 -4.27 22.16 -1.66
CA PRO C 88 -3.21 22.74 -0.84
C PRO C 88 -2.38 21.63 -0.21
N ASP C 89 -1.06 21.83 -0.18
CA ASP C 89 -0.12 20.85 0.36
C ASP C 89 0.01 20.99 1.87
N LEU C 90 -1.10 20.82 2.57
CA LEU C 90 -1.11 20.93 4.02
C LEU C 90 -0.43 19.73 4.69
N ALA C 91 0.22 20.00 5.81
CA ALA C 91 0.89 18.98 6.60
C ALA C 91 0.68 19.29 8.07
N ALA C 92 0.67 18.25 8.90
CA ALA C 92 0.53 18.43 10.33
C ALA C 92 1.98 18.46 10.80
N TYR C 93 2.47 19.65 11.14
CA TYR C 93 3.86 19.81 11.55
C TYR C 93 4.30 18.90 12.69
N ASN C 94 3.36 18.43 13.50
CA ASN C 94 3.71 17.55 14.62
C ASN C 94 3.07 16.16 14.53
N ALA C 95 2.75 15.75 13.31
CA ALA C 95 2.17 14.43 13.07
C ALA C 95 3.33 13.44 13.02
N ILE C 96 3.18 12.27 13.65
CA ILE C 96 4.25 11.29 13.60
C ILE C 96 3.88 10.10 12.71
N SER C 97 2.84 10.29 11.89
CA SER C 97 2.41 9.27 10.95
C SER C 97 1.77 10.01 9.78
N LYS C 98 1.86 9.46 8.58
CA LYS C 98 1.23 10.13 7.45
C LYS C 98 -0.27 9.94 7.62
N PRO C 99 -1.07 10.96 7.26
CA PRO C 99 -2.52 10.95 7.37
C PRO C 99 -3.22 9.82 6.64
N GLU C 100 -4.05 9.08 7.37
CA GLU C 100 -4.82 8.00 6.78
C GLU C 100 -6.19 8.56 6.41
N VAL C 101 -6.42 8.75 5.11
CA VAL C 101 -7.70 9.27 4.62
C VAL C 101 -8.73 8.14 4.61
N LEU C 102 -9.76 8.26 5.44
CA LEU C 102 -10.78 7.22 5.55
C LEU C 102 -11.96 7.34 4.61
N THR C 103 -12.08 8.47 3.94
CA THR C 103 -13.23 8.68 3.06
C THR C 103 -12.90 8.82 1.59
N PRO C 104 -13.92 8.71 0.73
CA PRO C 104 -13.72 8.85 -0.71
C PRO C 104 -13.01 10.18 -0.94
N GLN C 105 -11.90 10.16 -1.66
CA GLN C 105 -11.13 11.37 -1.91
C GLN C 105 -11.71 12.26 -3.00
N LEU C 106 -12.88 12.81 -2.70
CA LEU C 106 -13.60 13.68 -3.62
C LEU C 106 -13.78 15.05 -2.99
N ALA C 107 -13.65 16.07 -3.82
CA ALA C 107 -13.84 17.44 -3.38
C ALA C 107 -15.16 17.85 -4.00
N ARG C 108 -15.71 18.96 -3.51
CA ARG C 108 -16.96 19.46 -4.01
C ARG C 108 -16.64 20.83 -4.63
N VAL C 109 -17.06 21.04 -5.87
CA VAL C 109 -16.80 22.30 -6.58
C VAL C 109 -18.06 23.07 -6.99
N VAL C 110 -18.16 24.31 -6.52
CA VAL C 110 -19.31 25.17 -6.83
C VAL C 110 -19.00 25.92 -8.11
N SER C 111 -20.04 26.20 -8.90
CA SER C 111 -19.86 26.90 -10.17
C SER C 111 -19.08 28.22 -10.09
N ASP C 112 -18.87 28.75 -8.90
CA ASP C 112 -18.15 30.01 -8.74
C ASP C 112 -16.65 29.78 -8.60
N GLY C 113 -16.25 28.51 -8.56
CA GLY C 113 -14.84 28.19 -8.41
C GLY C 113 -14.45 27.86 -6.98
N GLU C 114 -15.40 27.94 -6.05
CA GLU C 114 -15.10 27.60 -4.65
C GLU C 114 -14.93 26.09 -4.58
N VAL C 115 -13.90 25.64 -3.87
CA VAL C 115 -13.63 24.23 -3.74
C VAL C 115 -13.65 23.81 -2.28
N LEU C 116 -14.44 22.79 -1.97
CA LEU C 116 -14.50 22.28 -0.61
C LEU C 116 -14.02 20.83 -0.62
N TYR C 117 -13.12 20.50 0.30
CA TYR C 117 -12.60 19.14 0.44
C TYR C 117 -12.57 18.84 1.93
N MET C 118 -13.27 17.79 2.34
CA MET C 118 -13.30 17.46 3.75
C MET C 118 -13.11 15.97 4.03
N PRO C 119 -11.85 15.51 3.99
CA PRO C 119 -11.55 14.11 4.25
C PRO C 119 -11.57 13.79 5.76
N SER C 120 -12.02 12.59 6.09
CA SER C 120 -12.00 12.15 7.48
C SER C 120 -10.59 11.59 7.58
N ILE C 121 -9.85 11.98 8.60
CA ILE C 121 -8.48 11.51 8.73
C ILE C 121 -8.12 10.89 10.08
N ARG C 122 -7.32 9.84 10.02
CA ARG C 122 -6.84 9.21 11.24
C ARG C 122 -5.34 9.46 11.17
N GLN C 123 -4.76 9.92 12.26
CA GLN C 123 -3.36 10.25 12.25
C GLN C 123 -2.82 10.35 13.68
N ARG C 124 -1.55 10.06 13.85
CA ARG C 124 -0.92 10.11 15.16
C ARG C 124 -0.07 11.36 15.27
N PHE C 125 -0.05 11.95 16.47
CA PHE C 125 0.71 13.17 16.72
C PHE C 125 1.55 13.11 17.99
N SER C 126 2.57 13.95 18.02
CA SER C 126 3.48 14.08 19.14
C SER C 126 3.07 15.38 19.84
N CYS C 127 2.28 15.26 20.91
CA CYS C 127 1.85 16.46 21.64
C CYS C 127 1.79 16.23 23.13
N ASP C 128 1.48 17.29 23.87
CA ASP C 128 1.40 17.18 25.32
C ASP C 128 0.16 16.37 25.72
N VAL C 129 0.38 15.25 26.40
CA VAL C 129 -0.70 14.39 26.84
C VAL C 129 -0.89 14.45 28.36
N SER C 130 0.07 15.06 29.05
CA SER C 130 0.02 15.18 30.50
C SER C 130 -1.27 15.80 31.02
N GLY C 131 -1.85 15.15 32.03
CA GLY C 131 -3.09 15.62 32.61
C GLY C 131 -4.31 14.95 32.04
N VAL C 132 -4.11 14.12 31.01
CA VAL C 132 -5.22 13.43 30.37
C VAL C 132 -6.13 12.73 31.37
N ASP C 133 -5.55 12.33 32.50
CA ASP C 133 -6.31 11.63 33.52
C ASP C 133 -6.67 12.49 34.73
N THR C 134 -6.87 13.79 34.51
CA THR C 134 -7.23 14.70 35.58
C THR C 134 -8.45 15.49 35.14
N GLU C 135 -9.13 16.11 36.08
CA GLU C 135 -10.31 16.89 35.76
C GLU C 135 -9.98 18.00 34.77
N SER C 136 -8.74 18.51 34.87
CA SER C 136 -8.28 19.57 33.99
C SER C 136 -7.99 19.03 32.60
N GLY C 137 -7.81 17.71 32.51
CA GLY C 137 -7.53 17.08 31.23
C GLY C 137 -6.21 17.54 30.64
N ALA C 138 -5.90 17.07 29.44
CA ALA C 138 -4.65 17.45 28.76
C ALA C 138 -4.95 18.36 27.58
N THR C 139 -3.96 19.11 27.13
CA THR C 139 -4.14 19.98 25.99
C THR C 139 -3.12 19.70 24.90
N CYS C 140 -3.56 18.93 23.92
CA CYS C 140 -2.74 18.54 22.79
C CYS C 140 -2.93 19.58 21.69
N ARG C 141 -1.84 20.18 21.23
CA ARG C 141 -1.94 21.18 20.17
C ARG C 141 -1.44 20.63 18.83
N ILE C 142 -2.26 20.79 17.80
CA ILE C 142 -1.93 20.32 16.46
C ILE C 142 -1.81 21.50 15.50
N LYS C 143 -0.65 21.64 14.85
CA LYS C 143 -0.42 22.72 13.91
C LYS C 143 -0.47 22.22 12.47
N ILE C 144 -1.34 22.85 11.66
CA ILE C 144 -1.50 22.51 10.25
C ILE C 144 -1.35 23.74 9.34
N GLY C 145 -0.48 23.63 8.34
CA GLY C 145 -0.27 24.72 7.41
C GLY C 145 0.45 24.16 6.21
N SER C 146 0.61 24.96 5.16
CA SER C 146 1.30 24.48 3.97
C SER C 146 2.69 24.01 4.35
N TRP C 147 3.24 23.14 3.52
CA TRP C 147 4.56 22.62 3.77
C TRP C 147 5.61 23.35 2.94
N THR C 148 5.25 23.74 1.72
CA THR C 148 6.19 24.43 0.84
C THR C 148 5.80 25.84 0.39
N HIS C 149 4.57 26.25 0.70
CA HIS C 149 4.11 27.59 0.30
C HIS C 149 4.08 28.54 1.48
N HIS C 150 4.77 29.67 1.36
CA HIS C 150 4.81 30.65 2.43
C HIS C 150 3.67 31.67 2.31
N SER C 151 3.60 32.58 3.28
CA SER C 151 2.55 33.60 3.38
C SER C 151 2.17 34.38 2.13
N ARG C 152 3.08 34.54 1.18
CA ARG C 152 2.74 35.28 -0.03
C ARG C 152 2.10 34.39 -1.11
N GLU C 153 2.16 33.08 -0.91
CA GLU C 153 1.60 32.13 -1.86
C GLU C 153 0.33 31.48 -1.32
N ILE C 154 0.34 31.20 -0.02
CA ILE C 154 -0.82 30.60 0.63
C ILE C 154 -1.05 31.20 2.01
N SER C 155 -2.29 31.59 2.27
CA SER C 155 -2.64 32.11 3.58
C SER C 155 -3.59 31.07 4.18
N VAL C 156 -3.46 30.85 5.48
CA VAL C 156 -4.29 29.88 6.19
C VAL C 156 -5.05 30.54 7.33
N ASP C 157 -6.36 30.28 7.37
CA ASP C 157 -7.21 30.84 8.41
C ASP C 157 -8.28 29.88 8.87
N PRO C 158 -8.53 29.81 10.19
CA PRO C 158 -9.55 28.93 10.75
C PRO C 158 -10.94 29.35 10.29
N THR C 159 -11.74 28.38 9.84
CA THR C 159 -13.10 28.68 9.38
C THR C 159 -13.95 28.91 10.62
N THR C 160 -13.77 30.06 11.24
CA THR C 160 -14.52 30.42 12.43
C THR C 160 -15.96 29.91 12.34
N GLU C 161 -16.22 28.77 12.99
CA GLU C 161 -17.55 28.15 12.99
C GLU C 161 -18.04 27.91 14.42
N ASN C 162 -18.45 28.99 15.08
CA ASN C 162 -18.96 28.92 16.44
C ASN C 162 -19.96 27.76 16.57
N SER C 163 -19.44 26.58 16.88
CA SER C 163 -20.28 25.40 17.03
C SER C 163 -19.80 24.52 18.19
N ASP C 164 -20.48 23.39 18.38
CA ASP C 164 -20.14 22.46 19.46
C ASP C 164 -18.89 21.64 19.13
N ASP C 165 -17.90 21.68 20.01
CA ASP C 165 -16.64 20.95 19.81
C ASP C 165 -16.81 19.44 19.79
N SER C 166 -17.85 18.94 20.46
CA SER C 166 -18.12 17.50 20.53
C SER C 166 -19.34 17.13 19.70
N GLU C 167 -19.76 18.06 18.85
CA GLU C 167 -20.93 17.84 18.02
C GLU C 167 -20.87 16.53 17.27
N TYR C 168 -19.68 16.18 16.78
CA TYR C 168 -19.49 14.94 16.02
C TYR C 168 -18.50 13.98 16.67
N PHE C 169 -18.15 14.25 17.92
CA PHE C 169 -17.23 13.40 18.65
C PHE C 169 -17.95 12.14 19.12
N SER C 170 -17.30 10.99 18.95
CA SER C 170 -17.87 9.71 19.34
C SER C 170 -18.20 9.62 20.81
N GLN C 171 -19.39 9.10 21.11
CA GLN C 171 -19.83 8.96 22.49
C GLN C 171 -19.27 7.69 23.11
N TYR C 172 -18.82 6.79 22.26
CA TYR C 172 -18.27 5.52 22.72
C TYR C 172 -16.78 5.60 22.98
N SER C 173 -16.17 6.74 22.63
CA SER C 173 -14.75 6.92 22.89
C SER C 173 -14.49 6.79 24.40
N ARG C 174 -13.23 6.62 24.78
CA ARG C 174 -12.87 6.50 26.19
C ARG C 174 -12.56 7.87 26.73
N PHE C 175 -12.39 8.83 25.83
CA PHE C 175 -12.07 10.18 26.23
C PHE C 175 -13.25 11.07 25.92
N GLU C 176 -13.14 12.33 26.32
CA GLU C 176 -14.20 13.30 26.09
C GLU C 176 -13.55 14.65 25.80
N ILE C 177 -14.22 15.51 25.05
CA ILE C 177 -13.63 16.80 24.72
C ILE C 177 -14.02 17.91 25.69
N LEU C 178 -13.02 18.59 26.24
CA LEU C 178 -13.26 19.67 27.17
C LEU C 178 -13.44 20.97 26.38
N ASP C 179 -12.61 21.19 25.37
CA ASP C 179 -12.71 22.41 24.58
C ASP C 179 -11.74 22.39 23.41
N VAL C 180 -12.17 22.99 22.30
CA VAL C 180 -11.34 23.07 21.11
C VAL C 180 -11.27 24.52 20.65
N THR C 181 -10.06 25.04 20.50
CA THR C 181 -9.86 26.40 20.04
C THR C 181 -8.88 26.39 18.87
N GLN C 182 -9.31 26.98 17.75
CA GLN C 182 -8.47 27.01 16.55
C GLN C 182 -7.99 28.43 16.25
N LYS C 183 -6.72 28.65 16.54
CA LYS C 183 -6.09 29.95 16.39
C LYS C 183 -5.17 30.03 15.18
N LYS C 184 -5.14 31.20 14.55
CA LYS C 184 -4.29 31.42 13.40
C LYS C 184 -2.87 31.69 13.88
N ASN C 185 -1.88 31.09 13.24
CA ASN C 185 -0.50 31.32 13.64
C ASN C 185 0.42 31.40 12.43
N SER C 186 1.71 31.21 12.68
CA SER C 186 2.72 31.29 11.62
C SER C 186 4.02 30.66 12.08
N VAL C 187 4.71 30.02 11.15
CA VAL C 187 5.99 29.37 11.45
C VAL C 187 7.09 29.94 10.55
N THR C 188 8.31 30.02 11.07
CA THR C 188 9.42 30.52 10.28
C THR C 188 10.68 29.68 10.51
N TYR C 189 11.53 29.61 9.50
CA TYR C 189 12.75 28.81 9.62
C TYR C 189 14.01 29.68 9.56
N SER C 190 14.99 29.34 10.39
CA SER C 190 16.26 30.06 10.47
C SER C 190 16.76 30.55 9.12
N CYS C 191 16.90 29.64 8.18
CA CYS C 191 17.40 29.94 6.84
C CYS C 191 16.81 31.16 6.19
N CYS C 192 15.51 31.31 6.34
CA CYS C 192 14.85 32.36 5.61
C CYS C 192 13.82 33.24 6.31
N PRO C 193 13.53 34.41 5.71
CA PRO C 193 12.57 35.38 6.24
C PRO C 193 11.11 34.97 6.04
N GLU C 194 10.82 34.24 4.97
CA GLU C 194 9.46 33.80 4.68
C GLU C 194 8.81 33.06 5.83
N ALA C 195 7.48 33.20 5.93
CA ALA C 195 6.70 32.58 6.97
C ALA C 195 5.61 31.71 6.39
N TYR C 196 5.19 30.69 7.15
CA TYR C 196 4.13 29.78 6.69
C TYR C 196 2.94 29.82 7.64
N GLU C 197 1.81 30.33 7.16
CA GLU C 197 0.63 30.40 8.01
C GLU C 197 0.11 28.99 8.33
N ASP C 198 -0.39 28.82 9.54
CA ASP C 198 -0.94 27.55 9.94
C ASP C 198 -2.11 27.81 10.87
N VAL C 199 -2.65 26.73 11.42
CA VAL C 199 -3.76 26.83 12.36
C VAL C 199 -3.39 25.95 13.53
N GLU C 200 -3.42 26.51 14.72
CA GLU C 200 -3.12 25.72 15.91
C GLU C 200 -4.42 25.27 16.51
N VAL C 201 -4.62 23.96 16.52
CA VAL C 201 -5.83 23.37 17.06
C VAL C 201 -5.53 22.80 18.44
N SER C 202 -6.08 23.42 19.47
CA SER C 202 -5.87 22.96 20.84
C SER C 202 -7.01 22.08 21.25
N LEU C 203 -6.69 20.81 21.50
CA LEU C 203 -7.68 19.83 21.92
C LEU C 203 -7.54 19.60 23.41
N ASN C 204 -8.45 20.15 24.19
CA ASN C 204 -8.44 19.95 25.64
C ASN C 204 -9.37 18.77 25.85
N PHE C 205 -8.81 17.64 26.28
CA PHE C 205 -9.60 16.43 26.49
C PHE C 205 -9.10 15.67 27.70
N ARG C 206 -9.89 14.67 28.13
CA ARG C 206 -9.52 13.85 29.27
C ARG C 206 -10.24 12.50 29.22
N LYS C 207 -9.76 11.54 30.01
CA LYS C 207 -10.37 10.23 30.05
C LYS C 207 -11.68 10.30 30.82
N LYS C 208 -12.72 9.71 30.28
CA LYS C 208 -14.01 9.73 30.95
C LYS C 208 -13.92 9.07 32.32
N GLY C 209 -14.56 9.69 33.31
CA GLY C 209 -14.54 9.17 34.65
C GLY C 209 -15.45 9.96 35.57
N ARG C 210 -15.83 9.35 36.69
CA ARG C 210 -16.70 10.00 37.67
C ARG C 210 -16.04 9.99 39.05
N SER C 211 -14.72 10.19 39.07
CA SER C 211 -13.97 10.18 40.33
C SER C 211 -12.77 11.12 40.29
N ALA D 4 7.54 38.55 -17.33
CA ALA D 4 6.06 38.44 -17.33
C ALA D 4 5.56 36.99 -17.35
N ALA D 5 6.30 36.10 -16.68
CA ALA D 5 5.92 34.69 -16.65
C ALA D 5 5.21 34.31 -15.35
N ASP D 6 4.06 33.63 -15.48
CA ASP D 6 3.31 33.18 -14.33
C ASP D 6 3.86 31.83 -13.89
N ARG D 7 3.45 31.37 -12.71
CA ARG D 7 3.94 30.10 -12.18
C ARG D 7 3.69 28.93 -13.12
N ALA D 8 2.59 29.02 -13.86
CA ALA D 8 2.25 27.96 -14.82
C ALA D 8 3.30 27.86 -15.93
N ASP D 9 3.71 29.01 -16.49
CA ASP D 9 4.71 29.02 -17.56
C ASP D 9 6.03 28.50 -17.04
N ILE D 10 6.31 28.81 -15.77
CA ILE D 10 7.53 28.38 -15.12
C ILE D 10 7.53 26.86 -15.01
N LEU D 11 6.44 26.30 -14.49
CA LEU D 11 6.34 24.86 -14.33
C LEU D 11 6.45 24.16 -15.67
N TYR D 12 5.78 24.72 -16.68
CA TYR D 12 5.78 24.14 -18.01
C TYR D 12 7.18 24.10 -18.63
N ASN D 13 7.97 25.15 -18.43
CA ASN D 13 9.32 25.12 -18.97
C ASN D 13 10.12 24.01 -18.26
N ILE D 14 9.89 23.88 -16.94
CA ILE D 14 10.56 22.85 -16.13
C ILE D 14 10.16 21.45 -16.59
N ARG D 15 8.87 21.23 -16.77
CA ARG D 15 8.39 19.92 -17.18
C ARG D 15 8.84 19.56 -18.59
N GLN D 16 9.33 20.53 -19.34
CA GLN D 16 9.79 20.26 -20.68
C GLN D 16 11.28 20.19 -20.84
N THR D 17 12.03 20.30 -19.75
CA THR D 17 13.48 20.22 -19.86
C THR D 17 14.02 19.29 -18.78
N SER D 18 13.27 19.13 -17.70
CA SER D 18 13.70 18.26 -16.61
C SER D 18 13.53 16.80 -17.01
N ARG D 19 14.51 15.97 -16.66
CA ARG D 19 14.45 14.55 -16.98
C ARG D 19 14.52 13.76 -15.69
N PRO D 20 13.35 13.43 -15.10
CA PRO D 20 13.29 12.67 -13.85
C PRO D 20 14.14 11.41 -13.76
N ASP D 21 14.35 10.73 -14.87
CA ASP D 21 15.15 9.52 -14.84
C ASP D 21 16.58 9.76 -15.31
N VAL D 22 16.90 11.01 -15.63
CA VAL D 22 18.24 11.36 -16.09
C VAL D 22 18.93 12.29 -15.11
N ILE D 23 20.10 11.88 -14.64
CA ILE D 23 20.85 12.69 -13.71
C ILE D 23 21.41 13.93 -14.44
N PRO D 24 21.16 15.14 -13.91
CA PRO D 24 21.61 16.41 -14.49
C PRO D 24 23.11 16.69 -14.32
N THR D 25 23.93 15.96 -15.05
CA THR D 25 25.39 16.13 -14.98
C THR D 25 25.88 17.28 -15.85
N GLN D 26 26.76 18.12 -15.31
CA GLN D 26 27.33 19.24 -16.06
C GLN D 26 28.66 18.77 -16.64
N ARG D 27 28.74 18.69 -17.96
CA ARG D 27 29.95 18.22 -18.63
C ARG D 27 30.12 16.77 -18.19
N ASP D 28 30.95 16.58 -17.19
CA ASP D 28 31.19 15.27 -16.63
C ASP D 28 31.13 15.34 -15.11
N ARG D 29 31.52 16.49 -14.57
CA ARG D 29 31.51 16.69 -13.13
C ARG D 29 30.30 16.04 -12.49
N PRO D 30 30.44 15.58 -11.25
CA PRO D 30 29.31 14.94 -10.56
C PRO D 30 28.30 15.96 -10.05
N VAL D 31 27.07 15.51 -9.84
CA VAL D 31 26.04 16.39 -9.30
C VAL D 31 26.31 16.51 -7.80
N ALA D 32 26.56 17.74 -7.35
CA ALA D 32 26.84 17.97 -5.94
C ALA D 32 25.55 18.11 -5.14
N VAL D 33 25.24 17.07 -4.37
CA VAL D 33 24.05 17.06 -3.53
C VAL D 33 24.39 17.38 -2.07
N SER D 34 23.56 18.21 -1.46
CA SER D 34 23.72 18.58 -0.06
C SER D 34 22.65 17.83 0.74
N VAL D 35 23.05 17.21 1.85
CA VAL D 35 22.14 16.47 2.70
C VAL D 35 22.32 16.89 4.16
N SER D 36 21.25 17.43 4.74
CA SER D 36 21.30 17.90 6.12
C SER D 36 20.05 17.45 6.87
N LEU D 37 20.24 16.70 7.94
CA LEU D 37 19.10 16.21 8.72
C LEU D 37 18.80 17.07 9.93
N LYS D 38 17.51 17.35 10.12
CA LYS D 38 17.04 18.09 11.27
C LYS D 38 16.11 17.14 11.99
N PHE D 39 16.50 16.76 13.20
CA PHE D 39 15.71 15.83 13.98
C PHE D 39 14.50 16.53 14.61
N ILE D 40 13.38 15.83 14.63
CA ILE D 40 12.15 16.40 15.16
C ILE D 40 11.60 15.58 16.30
N ASN D 41 11.91 14.28 16.32
CA ASN D 41 11.40 13.40 17.36
C ASN D 41 12.15 12.08 17.36
N ILE D 42 12.20 11.45 18.53
CA ILE D 42 12.83 10.14 18.70
C ILE D 42 11.70 9.37 19.39
N LEU D 43 11.26 8.27 18.77
CA LEU D 43 10.15 7.50 19.33
C LEU D 43 10.50 6.12 19.90
N GLU D 44 10.17 5.06 19.18
CA GLU D 44 10.44 3.70 19.68
C GLU D 44 11.91 3.41 19.83
N VAL D 45 12.40 3.48 21.06
CA VAL D 45 13.81 3.21 21.33
C VAL D 45 13.93 1.86 22.05
N ASN D 46 14.89 1.04 21.63
CA ASN D 46 15.07 -0.28 22.23
C ASN D 46 16.55 -0.60 22.41
N GLU D 47 17.01 -0.60 23.65
CA GLU D 47 18.44 -0.85 23.91
C GLU D 47 18.80 -2.32 23.80
N ILE D 48 17.80 -3.19 23.86
CA ILE D 48 18.04 -4.63 23.74
C ILE D 48 18.27 -5.02 22.27
N THR D 49 17.39 -4.57 21.39
CA THR D 49 17.51 -4.91 19.97
C THR D 49 18.36 -3.91 19.20
N ASN D 50 18.65 -2.77 19.84
CA ASN D 50 19.44 -1.72 19.22
C ASN D 50 18.73 -1.12 18.00
N GLU D 51 17.48 -0.71 18.20
CA GLU D 51 16.68 -0.12 17.12
C GLU D 51 16.03 1.18 17.56
N VAL D 52 16.11 2.18 16.68
CA VAL D 52 15.52 3.47 16.98
C VAL D 52 14.57 3.93 15.89
N ASP D 53 13.53 4.62 16.32
CA ASP D 53 12.52 5.16 15.44
C ASP D 53 12.75 6.68 15.45
N VAL D 54 13.00 7.29 14.30
CA VAL D 54 13.20 8.74 14.28
C VAL D 54 12.44 9.48 13.21
N VAL D 55 12.13 10.74 13.51
CA VAL D 55 11.44 11.63 12.60
C VAL D 55 12.39 12.80 12.35
N PHE D 56 12.81 12.95 11.11
CA PHE D 56 13.73 14.01 10.74
C PHE D 56 13.37 14.69 9.43
N TRP D 57 13.72 15.96 9.33
CA TRP D 57 13.48 16.71 8.10
C TRP D 57 14.77 16.49 7.33
N GLN D 58 14.67 15.86 6.15
CA GLN D 58 15.85 15.59 5.35
C GLN D 58 16.08 16.63 4.25
N ARG D 59 16.78 17.70 4.59
CA ARG D 59 17.06 18.78 3.66
C ARG D 59 18.01 18.34 2.56
N THR D 60 17.47 18.26 1.35
CA THR D 60 18.22 17.82 0.18
C THR D 60 18.30 18.93 -0.87
N THR D 61 19.52 19.31 -1.24
CA THR D 61 19.73 20.36 -2.22
C THR D 61 20.69 19.99 -3.32
N TRP D 62 20.40 20.45 -4.53
CA TRP D 62 21.25 20.20 -5.69
C TRP D 62 20.87 21.22 -6.74
N SER D 63 21.46 21.11 -7.93
CA SER D 63 21.14 22.09 -8.96
C SER D 63 21.06 21.53 -10.36
N ASP D 64 20.13 22.08 -11.13
CA ASP D 64 19.92 21.71 -12.52
C ASP D 64 19.69 23.07 -13.22
N ARG D 65 20.79 23.70 -13.60
CA ARG D 65 20.74 25.00 -14.24
C ARG D 65 19.89 25.04 -15.50
N THR D 66 19.65 23.89 -16.14
CA THR D 66 18.84 23.90 -17.34
C THR D 66 17.40 24.31 -17.04
N LEU D 67 17.07 24.43 -15.77
CA LEU D 67 15.71 24.81 -15.36
C LEU D 67 15.60 26.28 -14.94
N ALA D 68 16.71 27.01 -15.03
CA ALA D 68 16.75 28.40 -14.64
C ALA D 68 15.94 29.32 -15.54
N TRP D 69 15.43 30.41 -14.95
CA TRP D 69 14.65 31.40 -15.67
C TRP D 69 14.92 32.79 -15.08
N ASP D 70 14.36 33.81 -15.71
CA ASP D 70 14.56 35.17 -15.23
C ASP D 70 13.41 35.56 -14.31
N SER D 71 13.75 35.87 -13.06
CA SER D 71 12.76 36.22 -12.05
C SER D 71 12.69 37.70 -11.69
N SER D 72 13.29 38.54 -12.52
CA SER D 72 13.28 39.98 -12.26
C SER D 72 11.85 40.49 -12.11
N HIS D 73 10.97 40.00 -12.99
CA HIS D 73 9.57 40.39 -12.98
C HIS D 73 8.73 39.10 -13.07
N SER D 74 9.13 38.11 -12.29
CA SER D 74 8.47 36.81 -12.22
C SER D 74 8.86 36.19 -10.88
N PRO D 75 8.13 35.16 -10.45
CA PRO D 75 8.40 34.46 -9.18
C PRO D 75 9.79 33.81 -9.21
N ASP D 76 10.51 33.91 -8.09
CA ASP D 76 11.87 33.37 -7.99
C ASP D 76 11.88 31.87 -7.70
N GLN D 77 10.76 31.38 -7.20
CA GLN D 77 10.63 29.97 -6.85
C GLN D 77 9.22 29.46 -7.12
N VAL D 78 9.10 28.14 -7.21
CA VAL D 78 7.81 27.48 -7.40
C VAL D 78 7.91 26.08 -6.81
N SER D 79 6.76 25.53 -6.41
CA SER D 79 6.68 24.19 -5.85
C SER D 79 6.39 23.26 -7.00
N VAL D 80 7.13 22.15 -7.06
CA VAL D 80 6.98 21.18 -8.13
C VAL D 80 7.01 19.77 -7.58
N PRO D 81 6.08 18.91 -8.05
CA PRO D 81 5.97 17.50 -7.61
C PRO D 81 7.30 16.83 -7.96
N ILE D 82 7.88 16.10 -7.03
CA ILE D 82 9.16 15.46 -7.32
C ILE D 82 9.11 14.54 -8.52
N SER D 83 7.92 14.03 -8.84
CA SER D 83 7.74 13.12 -9.97
C SER D 83 8.03 13.80 -11.31
N SER D 84 8.05 15.13 -11.32
CA SER D 84 8.33 15.84 -12.56
C SER D 84 9.78 16.24 -12.60
N LEU D 85 10.53 15.81 -11.59
CA LEU D 85 11.95 16.16 -11.46
C LEU D 85 12.87 14.97 -11.23
N TRP D 86 14.16 15.20 -11.45
CA TRP D 86 15.14 14.18 -11.18
C TRP D 86 15.46 14.43 -9.71
N VAL D 87 15.51 13.37 -8.93
CA VAL D 87 15.80 13.48 -7.51
C VAL D 87 16.85 12.44 -7.16
N PRO D 88 17.82 12.80 -6.31
CA PRO D 88 18.90 11.90 -5.89
C PRO D 88 18.33 10.60 -5.33
N ASP D 89 18.91 9.49 -5.75
CA ASP D 89 18.48 8.18 -5.29
C ASP D 89 19.16 7.89 -3.96
N LEU D 90 18.87 8.71 -2.96
CA LEU D 90 19.47 8.55 -1.64
C LEU D 90 18.86 7.39 -0.86
N ALA D 91 19.67 6.78 0.00
CA ALA D 91 19.21 5.68 0.83
C ALA D 91 19.91 5.72 2.18
N ALA D 92 19.17 5.37 3.22
CA ALA D 92 19.71 5.30 4.56
C ALA D 92 20.24 3.87 4.64
N TYR D 93 21.55 3.72 4.60
CA TYR D 93 22.14 2.39 4.64
C TYR D 93 21.80 1.51 5.84
N ASN D 94 21.74 2.08 7.03
CA ASN D 94 21.43 1.27 8.19
C ASN D 94 19.96 1.32 8.60
N ALA D 95 19.08 1.73 7.68
CA ALA D 95 17.65 1.77 7.95
C ALA D 95 17.15 0.33 7.86
N ILE D 96 16.11 0.02 8.64
CA ILE D 96 15.55 -1.32 8.60
C ILE D 96 14.09 -1.31 8.23
N SER D 97 13.59 -0.14 7.86
CA SER D 97 12.20 -0.01 7.41
C SER D 97 12.25 1.00 6.27
N LYS D 98 11.36 0.89 5.30
CA LYS D 98 11.39 1.84 4.21
C LYS D 98 10.93 3.16 4.83
N PRO D 99 11.42 4.29 4.31
CA PRO D 99 11.01 5.59 4.86
C PRO D 99 9.53 5.93 4.72
N GLU D 100 8.96 6.47 5.78
CA GLU D 100 7.56 6.89 5.78
C GLU D 100 7.57 8.42 5.54
N VAL D 101 7.28 8.85 4.32
CA VAL D 101 7.27 10.27 4.03
C VAL D 101 5.95 10.87 4.53
N LEU D 102 6.08 11.75 5.52
CA LEU D 102 4.93 12.38 6.17
C LEU D 102 4.42 13.66 5.51
N THR D 103 5.24 14.25 4.64
CA THR D 103 4.84 15.49 4.00
C THR D 103 4.55 15.38 2.52
N PRO D 104 3.76 16.32 1.98
CA PRO D 104 3.46 16.30 0.56
C PRO D 104 4.80 16.23 -0.18
N GLN D 105 4.86 15.41 -1.21
CA GLN D 105 6.10 15.24 -1.94
C GLN D 105 6.32 16.28 -3.03
N LEU D 106 6.49 17.52 -2.57
CA LEU D 106 6.72 18.65 -3.46
C LEU D 106 8.12 19.19 -3.23
N ALA D 107 8.77 19.61 -4.31
CA ALA D 107 10.11 20.18 -4.24
C ALA D 107 9.97 21.66 -4.54
N ARG D 108 11.03 22.40 -4.27
CA ARG D 108 11.02 23.82 -4.51
C ARG D 108 12.13 24.07 -5.53
N VAL D 109 11.80 24.61 -6.69
CA VAL D 109 12.79 24.90 -7.71
C VAL D 109 12.99 26.41 -7.73
N VAL D 110 14.23 26.86 -7.70
CA VAL D 110 14.52 28.29 -7.69
C VAL D 110 14.94 28.75 -9.09
N SER D 111 14.75 30.03 -9.39
CA SER D 111 15.06 30.57 -10.70
C SER D 111 16.53 30.43 -11.15
N ASP D 112 17.42 30.14 -10.23
CA ASP D 112 18.83 30.00 -10.60
C ASP D 112 19.15 28.53 -10.95
N GLY D 113 18.16 27.67 -10.84
CA GLY D 113 18.37 26.27 -11.16
C GLY D 113 18.58 25.42 -9.93
N GLU D 114 18.51 26.04 -8.75
CA GLU D 114 18.69 25.30 -7.51
C GLU D 114 17.39 24.57 -7.21
N VAL D 115 17.51 23.34 -6.72
CA VAL D 115 16.34 22.56 -6.39
C VAL D 115 16.44 22.10 -4.93
N LEU D 116 15.37 22.30 -4.16
CA LEU D 116 15.34 21.91 -2.76
C LEU D 116 14.17 20.97 -2.52
N TYR D 117 14.43 19.93 -1.74
CA TYR D 117 13.41 18.96 -1.39
C TYR D 117 13.66 18.64 0.06
N MET D 118 12.63 18.78 0.87
CA MET D 118 12.74 18.56 2.30
C MET D 118 11.58 17.76 2.86
N PRO D 119 11.60 16.43 2.66
CA PRO D 119 10.50 15.64 3.19
C PRO D 119 10.75 15.36 4.67
N SER D 120 9.66 15.23 5.42
CA SER D 120 9.78 14.90 6.83
C SER D 120 9.70 13.38 6.80
N ILE D 121 10.65 12.70 7.40
CA ILE D 121 10.67 11.25 7.34
C ILE D 121 10.66 10.51 8.69
N ARG D 122 9.85 9.46 8.76
CA ARG D 122 9.82 8.63 9.95
C ARG D 122 10.43 7.33 9.47
N GLN D 123 11.47 6.86 10.14
CA GLN D 123 12.13 5.66 9.69
C GLN D 123 12.85 4.94 10.83
N ARG D 124 12.85 3.62 10.77
CA ARG D 124 13.50 2.79 11.80
C ARG D 124 14.96 2.54 11.43
N PHE D 125 15.84 2.60 12.43
CA PHE D 125 17.27 2.40 12.19
C PHE D 125 17.93 1.42 13.15
N SER D 126 18.97 0.75 12.66
CA SER D 126 19.76 -0.20 13.44
C SER D 126 21.05 0.54 13.81
N CYS D 127 21.17 0.94 15.07
CA CYS D 127 22.34 1.67 15.50
C CYS D 127 22.59 1.48 16.99
N ASP D 128 23.76 1.91 17.46
CA ASP D 128 24.12 1.76 18.87
C ASP D 128 23.18 2.54 19.78
N VAL D 129 22.40 1.82 20.56
CA VAL D 129 21.44 2.43 21.48
C VAL D 129 21.89 2.31 22.94
N SER D 130 23.00 1.60 23.16
CA SER D 130 23.50 1.42 24.53
C SER D 130 23.83 2.77 25.15
N GLY D 131 23.70 2.84 26.48
CA GLY D 131 24.00 4.07 27.19
C GLY D 131 22.98 5.17 26.97
N VAL D 132 21.88 4.83 26.32
CA VAL D 132 20.83 5.80 26.03
C VAL D 132 20.29 6.43 27.32
N ASP D 133 20.37 5.70 28.42
CA ASP D 133 19.90 6.20 29.70
C ASP D 133 21.05 6.57 30.63
N THR D 134 22.11 7.16 30.08
CA THR D 134 23.26 7.59 30.86
C THR D 134 23.53 9.04 30.51
N GLU D 135 24.14 9.78 31.43
CA GLU D 135 24.42 11.19 31.20
C GLU D 135 25.08 11.42 29.85
N SER D 136 25.96 10.50 29.47
CA SER D 136 26.67 10.61 28.20
C SER D 136 25.73 10.28 27.04
N GLY D 137 24.78 9.38 27.29
CA GLY D 137 23.81 9.00 26.28
C GLY D 137 24.29 8.00 25.23
N ALA D 138 23.47 7.79 24.21
CA ALA D 138 23.83 6.87 23.14
C ALA D 138 24.20 7.65 21.90
N THR D 139 24.98 7.02 21.02
CA THR D 139 25.33 7.66 19.77
C THR D 139 24.93 6.74 18.62
N CYS D 140 23.85 7.14 17.96
CA CYS D 140 23.28 6.42 16.84
C CYS D 140 23.77 7.07 15.56
N ARG D 141 24.45 6.30 14.72
CA ARG D 141 24.96 6.85 13.47
C ARG D 141 24.13 6.46 12.27
N ILE D 142 23.66 7.47 11.54
CA ILE D 142 22.87 7.25 10.35
C ILE D 142 23.67 7.63 9.10
N LYS D 143 23.73 6.73 8.13
CA LYS D 143 24.45 6.95 6.88
C LYS D 143 23.54 7.03 5.67
N ILE D 144 23.53 8.20 5.03
CA ILE D 144 22.69 8.44 3.87
C ILE D 144 23.55 8.80 2.67
N GLY D 145 23.30 8.14 1.55
CA GLY D 145 24.04 8.43 0.34
C GLY D 145 23.36 7.79 -0.84
N SER D 146 23.84 8.10 -2.04
CA SER D 146 23.26 7.55 -3.25
C SER D 146 23.39 6.05 -3.21
N TRP D 147 22.44 5.36 -3.81
CA TRP D 147 22.48 3.92 -3.81
C TRP D 147 23.16 3.39 -5.07
N THR D 148 22.97 4.07 -6.21
CA THR D 148 23.56 3.60 -7.45
C THR D 148 24.51 4.56 -8.16
N HIS D 149 24.72 5.74 -7.60
CA HIS D 149 25.60 6.73 -8.22
C HIS D 149 26.91 6.89 -7.44
N HIS D 150 28.02 6.56 -8.09
CA HIS D 150 29.32 6.67 -7.44
C HIS D 150 29.86 8.10 -7.37
N SER D 151 30.91 8.29 -6.60
CA SER D 151 31.51 9.59 -6.37
C SER D 151 31.68 10.49 -7.60
N ARG D 152 31.86 9.89 -8.78
CA ARG D 152 32.02 10.72 -9.97
C ARG D 152 30.71 11.18 -10.58
N GLU D 153 29.61 10.57 -10.16
CA GLU D 153 28.29 10.95 -10.68
C GLU D 153 27.51 11.78 -9.65
N ILE D 154 27.71 11.46 -8.38
CA ILE D 154 27.06 12.16 -7.28
C ILE D 154 28.01 12.25 -6.10
N SER D 155 28.02 13.41 -5.45
CA SER D 155 28.85 13.60 -4.27
C SER D 155 27.96 14.22 -3.20
N VAL D 156 28.18 13.84 -1.96
CA VAL D 156 27.38 14.35 -0.86
C VAL D 156 28.17 15.22 0.10
N ASP D 157 27.62 16.38 0.39
CA ASP D 157 28.28 17.30 1.29
C ASP D 157 27.38 17.65 2.44
N PRO D 158 27.77 17.26 3.65
CA PRO D 158 26.95 17.55 4.82
C PRO D 158 26.99 19.05 5.02
N THR D 159 25.85 19.70 4.78
CA THR D 159 25.76 21.14 4.96
C THR D 159 25.90 21.43 6.45
N THR D 160 27.14 21.48 6.91
CA THR D 160 27.43 21.74 8.32
C THR D 160 27.05 23.17 8.68
N GLU D 161 25.81 23.52 8.40
CA GLU D 161 25.29 24.85 8.70
C GLU D 161 25.04 24.95 10.19
N ASN D 162 26.13 25.07 10.96
CA ASN D 162 26.07 25.17 12.42
C ASN D 162 24.76 25.75 12.91
N SER D 163 24.01 24.94 13.65
CA SER D 163 22.72 25.36 14.19
C SER D 163 22.41 24.61 15.47
N ASP D 164 21.33 25.00 16.14
CA ASP D 164 20.91 24.34 17.36
C ASP D 164 20.35 22.99 16.94
N ASP D 165 21.02 21.92 17.36
CA ASP D 165 20.62 20.57 17.01
C ASP D 165 19.17 20.21 17.36
N SER D 166 18.67 20.74 18.48
CA SER D 166 17.30 20.45 18.88
C SER D 166 16.39 21.64 18.63
N GLU D 167 16.75 22.43 17.62
CA GLU D 167 15.97 23.60 17.28
C GLU D 167 14.52 23.26 16.97
N TYR D 168 14.30 22.22 16.16
CA TYR D 168 12.96 21.82 15.78
C TYR D 168 12.53 20.52 16.45
N PHE D 169 13.37 20.04 17.37
CA PHE D 169 13.12 18.80 18.08
C PHE D 169 11.92 18.90 19.02
N SER D 170 11.08 17.86 19.02
CA SER D 170 9.91 17.83 19.86
C SER D 170 10.31 17.92 21.33
N GLN D 171 9.60 18.74 22.08
CA GLN D 171 9.86 18.91 23.50
C GLN D 171 9.16 17.76 24.21
N TYR D 172 8.12 17.23 23.57
CA TYR D 172 7.32 16.16 24.13
C TYR D 172 7.91 14.76 24.00
N SER D 173 9.02 14.66 23.28
CA SER D 173 9.70 13.38 23.12
C SER D 173 10.18 12.93 24.48
N ARG D 174 10.39 11.63 24.65
CA ARG D 174 10.88 11.11 25.92
C ARG D 174 12.38 11.28 25.97
N PHE D 175 12.94 11.81 24.90
CA PHE D 175 14.39 11.99 24.82
C PHE D 175 14.80 13.41 24.45
N GLU D 176 16.09 13.68 24.55
CA GLU D 176 16.62 14.99 24.23
C GLU D 176 17.89 14.79 23.42
N ILE D 177 18.24 15.78 22.61
CA ILE D 177 19.45 15.69 21.81
C ILE D 177 20.60 16.39 22.54
N LEU D 178 21.71 15.68 22.70
CA LEU D 178 22.88 16.24 23.38
C LEU D 178 23.74 16.94 22.34
N ASP D 179 23.97 16.28 21.22
CA ASP D 179 24.77 16.84 20.15
C ASP D 179 24.65 16.01 18.86
N VAL D 180 24.70 16.71 17.72
CA VAL D 180 24.62 16.05 16.42
C VAL D 180 25.81 16.45 15.56
N THR D 181 26.42 15.48 14.87
CA THR D 181 27.56 15.79 14.03
C THR D 181 27.44 15.22 12.60
N GLN D 182 27.65 16.10 11.62
CA GLN D 182 27.58 15.75 10.21
C GLN D 182 28.95 15.37 9.69
N LYS D 183 29.12 14.11 9.30
CA LYS D 183 30.40 13.63 8.77
C LYS D 183 30.20 13.17 7.34
N LYS D 184 31.32 12.97 6.64
CA LYS D 184 31.27 12.53 5.27
C LYS D 184 32.25 11.39 5.08
N ASN D 185 31.82 10.35 4.38
CA ASN D 185 32.66 9.19 4.14
C ASN D 185 32.60 8.72 2.71
N SER D 186 33.34 7.66 2.43
CA SER D 186 33.39 7.08 1.09
C SER D 186 33.64 5.58 1.23
N VAL D 187 32.95 4.79 0.41
CA VAL D 187 33.08 3.34 0.43
C VAL D 187 33.25 2.73 -0.95
N THR D 188 33.93 1.58 -1.03
CA THR D 188 34.14 0.90 -2.30
C THR D 188 33.64 -0.55 -2.21
N TYR D 189 32.63 -0.87 -3.00
CA TYR D 189 32.07 -2.22 -2.99
C TYR D 189 32.63 -3.06 -4.12
N SER D 190 32.60 -4.37 -3.93
CA SER D 190 33.10 -5.33 -4.90
C SER D 190 32.20 -5.43 -6.12
N CYS D 191 31.86 -4.29 -6.71
CA CYS D 191 30.99 -4.28 -7.91
C CYS D 191 31.48 -3.25 -8.87
N CYS D 192 31.89 -2.16 -8.26
CA CYS D 192 32.26 -1.00 -8.99
C CYS D 192 33.57 -0.45 -8.44
N PRO D 193 34.55 -0.25 -9.33
CA PRO D 193 35.87 0.28 -8.97
C PRO D 193 35.86 1.56 -8.15
N GLU D 194 35.13 2.57 -8.62
CA GLU D 194 35.06 3.85 -7.92
C GLU D 194 34.16 3.78 -6.69
N ALA D 195 34.48 4.60 -5.70
CA ALA D 195 33.76 4.65 -4.44
C ALA D 195 32.43 5.37 -4.46
N TYR D 196 31.67 5.16 -3.38
CA TYR D 196 30.37 5.79 -3.20
C TYR D 196 30.50 6.73 -2.02
N GLU D 197 30.02 7.96 -2.18
CA GLU D 197 30.11 8.94 -1.10
C GLU D 197 28.86 8.93 -0.24
N ASP D 198 29.04 9.21 1.05
CA ASP D 198 27.90 9.26 1.97
C ASP D 198 28.17 10.22 3.10
N VAL D 199 27.10 10.63 3.77
CA VAL D 199 27.19 11.51 4.91
C VAL D 199 26.75 10.71 6.11
N GLU D 200 27.58 10.69 7.15
CA GLU D 200 27.25 9.95 8.36
C GLU D 200 26.84 10.93 9.44
N VAL D 201 25.59 10.83 9.90
CA VAL D 201 25.11 11.70 10.95
C VAL D 201 25.18 10.98 12.29
N SER D 202 25.90 11.57 13.24
CA SER D 202 26.01 10.99 14.56
C SER D 202 25.01 11.69 15.45
N LEU D 203 24.08 10.94 16.00
CA LEU D 203 23.07 11.52 16.86
C LEU D 203 23.32 11.07 18.30
N ASN D 204 23.67 12.04 19.15
CA ASN D 204 23.93 11.77 20.57
C ASN D 204 22.68 12.23 21.34
N PHE D 205 21.92 11.26 21.84
CA PHE D 205 20.69 11.57 22.58
C PHE D 205 20.63 10.75 23.85
N ARG D 206 19.68 11.05 24.72
CA ARG D 206 19.52 10.32 25.98
C ARG D 206 18.14 10.55 26.56
N LYS D 207 17.71 9.64 27.43
CA LYS D 207 16.40 9.75 28.08
C LYS D 207 16.37 10.91 29.08
N LYS D 208 15.36 11.74 28.97
CA LYS D 208 15.18 12.89 29.84
C LYS D 208 14.84 12.45 31.25
N GLY D 209 15.11 13.33 32.22
CA GLY D 209 14.83 13.03 33.61
C GLY D 209 15.58 14.00 34.51
N ARG D 210 14.84 14.81 35.27
CA ARG D 210 15.46 15.79 36.16
C ARG D 210 16.44 15.07 37.07
N SER D 211 17.61 15.68 37.28
CA SER D 211 18.65 15.09 38.11
C SER D 211 19.78 16.08 38.36
N ALA E 5 27.15 10.43 -27.60
CA ALA E 5 25.84 10.94 -27.07
C ALA E 5 25.87 11.12 -25.55
N ASP E 6 24.78 11.68 -25.00
CA ASP E 6 24.70 11.92 -23.56
C ASP E 6 23.83 10.91 -22.81
N ARG E 7 23.91 10.92 -21.49
CA ARG E 7 23.13 10.01 -20.65
C ARG E 7 21.65 10.00 -21.00
N ALA E 8 21.11 11.15 -21.41
CA ALA E 8 19.71 11.23 -21.79
C ALA E 8 19.45 10.45 -23.07
N ASP E 9 20.42 10.49 -23.98
CA ASP E 9 20.28 9.76 -25.24
C ASP E 9 20.30 8.28 -24.94
N ILE E 10 21.22 7.85 -24.08
CA ILE E 10 21.33 6.44 -23.71
C ILE E 10 20.00 5.96 -23.12
N LEU E 11 19.49 6.68 -22.14
CA LEU E 11 18.23 6.32 -21.51
C LEU E 11 17.10 6.34 -22.53
N TYR E 12 17.25 7.16 -23.56
CA TYR E 12 16.22 7.25 -24.58
C TYR E 12 16.21 5.97 -25.39
N ASN E 13 17.40 5.54 -25.81
CA ASN E 13 17.52 4.32 -26.60
C ASN E 13 17.01 3.12 -25.82
N ILE E 14 17.53 2.96 -24.61
CA ILE E 14 17.13 1.86 -23.75
C ILE E 14 15.61 1.74 -23.70
N ARG E 15 14.94 2.83 -23.39
CA ARG E 15 13.48 2.84 -23.30
C ARG E 15 12.86 2.39 -24.62
N GLN E 16 13.59 2.55 -25.71
CA GLN E 16 13.11 2.17 -27.04
C GLN E 16 13.28 0.69 -27.33
N THR E 17 14.52 0.21 -27.22
CA THR E 17 14.85 -1.19 -27.48
C THR E 17 14.37 -2.17 -26.41
N SER E 18 14.44 -1.78 -25.14
CA SER E 18 14.04 -2.65 -24.05
C SER E 18 12.56 -3.04 -24.01
N ARG E 19 12.32 -4.32 -23.82
CA ARG E 19 10.98 -4.89 -23.73
C ARG E 19 10.95 -5.54 -22.35
N PRO E 20 10.62 -4.76 -21.30
CA PRO E 20 10.58 -5.27 -19.92
C PRO E 20 9.76 -6.53 -19.67
N ASP E 21 8.84 -6.87 -20.56
CA ASP E 21 8.02 -8.07 -20.37
C ASP E 21 8.53 -9.27 -21.18
N VAL E 22 9.66 -9.11 -21.86
CA VAL E 22 10.24 -10.19 -22.66
C VAL E 22 11.63 -10.58 -22.17
N ILE E 23 11.83 -11.85 -21.90
CA ILE E 23 13.12 -12.31 -21.42
C ILE E 23 14.14 -12.21 -22.57
N PRO E 24 15.32 -11.61 -22.31
CA PRO E 24 16.38 -11.41 -23.30
C PRO E 24 17.23 -12.65 -23.61
N THR E 25 16.57 -13.65 -24.18
CA THR E 25 17.20 -14.90 -24.58
C THR E 25 18.20 -14.69 -25.74
N GLN E 26 19.46 -14.95 -25.46
CA GLN E 26 20.49 -14.80 -26.47
C GLN E 26 20.53 -16.11 -27.26
N ARG E 27 20.38 -16.03 -28.57
CA ARG E 27 20.35 -17.21 -29.43
C ARG E 27 19.10 -17.92 -28.93
N ASP E 28 19.28 -19.09 -28.34
CA ASP E 28 18.15 -19.82 -27.79
C ASP E 28 18.60 -20.45 -26.48
N ARG E 29 19.66 -19.89 -25.92
CA ARG E 29 20.22 -20.35 -24.66
C ARG E 29 19.42 -19.67 -23.54
N PRO E 30 19.50 -20.21 -22.32
CA PRO E 30 18.75 -19.55 -21.26
C PRO E 30 19.52 -18.33 -20.77
N VAL E 31 18.84 -17.40 -20.12
CA VAL E 31 19.48 -16.21 -19.60
C VAL E 31 20.15 -16.60 -18.31
N ALA E 32 21.44 -16.31 -18.20
CA ALA E 32 22.18 -16.66 -17.00
C ALA E 32 22.04 -15.58 -15.93
N VAL E 33 21.38 -15.91 -14.83
CA VAL E 33 21.18 -14.95 -13.76
C VAL E 33 21.98 -15.33 -12.52
N SER E 34 22.96 -14.50 -12.16
CA SER E 34 23.76 -14.75 -10.98
C SER E 34 23.06 -14.11 -9.79
N VAL E 35 22.93 -14.86 -8.71
CA VAL E 35 22.28 -14.35 -7.51
C VAL E 35 23.20 -14.56 -6.33
N SER E 36 23.41 -13.52 -5.56
CA SER E 36 24.28 -13.58 -4.39
C SER E 36 23.70 -12.71 -3.28
N LEU E 37 23.89 -13.12 -2.04
CA LEU E 37 23.35 -12.37 -0.91
C LEU E 37 24.39 -11.86 0.05
N LYS E 38 24.16 -10.66 0.57
CA LYS E 38 25.05 -10.04 1.56
C LYS E 38 24.18 -9.66 2.75
N PHE E 39 24.20 -10.49 3.78
CA PHE E 39 23.40 -10.25 4.97
C PHE E 39 23.83 -8.98 5.69
N ILE E 40 22.82 -8.18 6.06
CA ILE E 40 23.06 -6.90 6.71
C ILE E 40 22.59 -6.92 8.14
N ASN E 41 21.50 -7.64 8.39
CA ASN E 41 20.93 -7.71 9.71
C ASN E 41 20.01 -8.92 9.85
N ILE E 42 19.79 -9.31 11.10
CA ILE E 42 18.92 -10.41 11.50
C ILE E 42 18.08 -9.73 12.57
N LEU E 43 16.76 -9.68 12.41
CA LEU E 43 15.94 -8.93 13.36
C LEU E 43 14.91 -9.57 14.31
N GLU E 44 14.04 -10.43 13.80
CA GLU E 44 13.00 -10.99 14.66
C GLU E 44 12.98 -12.52 14.72
N VAL E 45 14.03 -13.10 15.29
CA VAL E 45 14.12 -14.55 15.41
C VAL E 45 13.11 -15.09 16.41
N ASN E 46 12.52 -16.24 16.09
CA ASN E 46 11.56 -16.90 16.96
C ASN E 46 11.78 -18.40 16.79
N GLU E 47 12.52 -18.99 17.73
CA GLU E 47 12.84 -20.41 17.69
C GLU E 47 11.63 -21.32 17.90
N ILE E 48 10.49 -20.73 18.24
CA ILE E 48 9.30 -21.52 18.47
C ILE E 48 8.49 -21.72 17.19
N THR E 49 8.31 -20.65 16.43
CA THR E 49 7.56 -20.72 15.19
C THR E 49 8.49 -20.90 13.98
N ASN E 50 9.78 -20.97 14.24
CA ASN E 50 10.80 -21.11 13.21
C ASN E 50 10.70 -20.03 12.15
N GLU E 51 10.66 -18.79 12.60
CA GLU E 51 10.56 -17.66 11.70
C GLU E 51 11.62 -16.62 12.00
N VAL E 52 12.16 -16.02 10.95
CA VAL E 52 13.18 -14.99 11.10
C VAL E 52 12.88 -13.82 10.19
N ASP E 53 13.44 -12.67 10.55
CA ASP E 53 13.26 -11.45 9.78
C ASP E 53 14.67 -11.11 9.33
N VAL E 54 14.87 -10.90 8.04
CA VAL E 54 16.21 -10.61 7.57
C VAL E 54 16.33 -9.46 6.57
N VAL E 55 17.41 -8.71 6.71
CA VAL E 55 17.71 -7.61 5.80
C VAL E 55 18.95 -8.03 5.04
N PHE E 56 18.87 -8.03 3.71
CA PHE E 56 20.01 -8.43 2.91
C PHE E 56 20.06 -7.73 1.55
N TRP E 57 21.25 -7.69 0.97
CA TRP E 57 21.47 -7.11 -0.35
C TRP E 57 21.48 -8.28 -1.31
N GLN E 58 20.64 -8.21 -2.33
CA GLN E 58 20.54 -9.28 -3.32
C GLN E 58 21.27 -8.93 -4.63
N ARG E 59 22.58 -9.15 -4.67
CA ARG E 59 23.36 -8.88 -5.88
C ARG E 59 22.79 -9.74 -7.00
N THR E 60 22.18 -9.09 -7.99
CA THR E 60 21.58 -9.80 -9.12
C THR E 60 22.15 -9.27 -10.42
N THR E 61 22.74 -10.16 -11.23
CA THR E 61 23.33 -9.76 -12.49
C THR E 61 22.89 -10.67 -13.63
N TRP E 62 22.90 -10.13 -14.84
CA TRP E 62 22.51 -10.87 -16.03
C TRP E 62 22.81 -10.02 -17.25
N SER E 63 22.58 -10.59 -18.43
CA SER E 63 22.82 -9.89 -19.68
C SER E 63 21.58 -9.69 -20.50
N ASP E 64 21.55 -8.55 -21.19
CA ASP E 64 20.48 -8.17 -22.09
C ASP E 64 21.20 -7.37 -23.16
N ARG E 65 21.70 -8.07 -24.18
CA ARG E 65 22.42 -7.43 -25.27
C ARG E 65 21.61 -6.38 -26.02
N THR E 66 20.28 -6.53 -26.05
CA THR E 66 19.43 -5.56 -26.74
C THR E 66 19.28 -4.26 -25.97
N LEU E 67 20.33 -3.86 -25.25
CA LEU E 67 20.31 -2.63 -24.47
C LEU E 67 21.66 -1.96 -24.65
N ALA E 68 22.60 -2.70 -25.24
CA ALA E 68 23.95 -2.21 -25.46
C ALA E 68 24.01 -1.05 -26.45
N TRP E 69 24.96 -0.16 -26.22
CA TRP E 69 25.15 1.01 -27.06
C TRP E 69 26.65 1.25 -27.20
N ASP E 70 27.02 2.15 -28.11
CA ASP E 70 28.41 2.47 -28.34
C ASP E 70 28.85 3.53 -27.33
N SER E 71 29.64 3.10 -26.34
CA SER E 71 30.12 4.00 -25.29
C SER E 71 31.46 4.63 -25.66
N SER E 72 31.74 4.73 -26.95
CA SER E 72 32.98 5.32 -27.41
C SER E 72 33.00 6.80 -27.06
N HIS E 73 31.91 7.49 -27.39
CA HIS E 73 31.77 8.92 -27.13
C HIS E 73 30.62 9.16 -26.15
N SER E 74 30.48 8.25 -25.18
CA SER E 74 29.42 8.35 -24.18
C SER E 74 29.81 7.61 -22.90
N PRO E 75 29.03 7.80 -21.82
CA PRO E 75 29.33 7.12 -20.55
C PRO E 75 29.21 5.61 -20.73
N ASP E 76 29.99 4.87 -19.96
CA ASP E 76 29.99 3.41 -20.06
C ASP E 76 28.75 2.77 -19.42
N GLN E 77 28.22 3.39 -18.37
CA GLN E 77 27.04 2.85 -17.69
C GLN E 77 26.13 3.92 -17.10
N VAL E 78 24.87 3.56 -16.86
CA VAL E 78 23.89 4.50 -16.30
C VAL E 78 22.95 3.81 -15.32
N SER E 79 22.24 4.61 -14.52
CA SER E 79 21.27 4.06 -13.59
C SER E 79 19.94 4.11 -14.32
N VAL E 80 19.15 3.05 -14.21
CA VAL E 80 17.88 2.97 -14.89
C VAL E 80 16.80 2.40 -13.98
N PRO E 81 15.57 2.94 -14.05
CA PRO E 81 14.50 2.42 -13.19
C PRO E 81 14.20 1.00 -13.65
N ILE E 82 14.03 0.06 -12.73
CA ILE E 82 13.80 -1.31 -13.15
C ILE E 82 12.53 -1.52 -13.95
N SER E 83 11.65 -0.54 -13.94
CA SER E 83 10.40 -0.64 -14.68
C SER E 83 10.65 -0.49 -16.20
N SER E 84 11.84 0.01 -16.54
CA SER E 84 12.23 0.20 -17.93
C SER E 84 13.00 -1.01 -18.47
N LEU E 85 13.26 -1.99 -17.60
CA LEU E 85 14.01 -3.17 -17.97
C LEU E 85 13.32 -4.49 -17.64
N TRP E 86 13.75 -5.55 -18.30
CA TRP E 86 13.22 -6.86 -18.02
C TRP E 86 14.01 -7.25 -16.78
N VAL E 87 13.34 -7.84 -15.79
CA VAL E 87 14.00 -8.23 -14.57
C VAL E 87 13.63 -9.68 -14.29
N PRO E 88 14.56 -10.45 -13.71
CA PRO E 88 14.31 -11.86 -13.38
C PRO E 88 13.15 -11.91 -12.39
N ASP E 89 12.19 -12.80 -12.59
CA ASP E 89 11.05 -12.90 -11.68
C ASP E 89 11.42 -13.83 -10.51
N LEU E 90 12.44 -13.43 -9.77
CA LEU E 90 12.88 -14.24 -8.65
C LEU E 90 11.95 -14.17 -7.47
N ALA E 91 11.84 -15.28 -6.76
CA ALA E 91 11.01 -15.38 -5.58
C ALA E 91 11.77 -16.20 -4.54
N ALA E 92 11.73 -15.76 -3.30
CA ALA E 92 12.37 -16.52 -2.25
C ALA E 92 11.28 -17.54 -1.90
N TYR E 93 11.51 -18.81 -2.23
CA TYR E 93 10.52 -19.86 -1.97
C TYR E 93 9.99 -20.05 -0.54
N ASN E 94 10.84 -19.92 0.47
CA ASN E 94 10.37 -20.10 1.83
C ASN E 94 10.05 -18.80 2.55
N ALA E 95 9.87 -17.72 1.79
CA ALA E 95 9.54 -16.42 2.38
C ALA E 95 8.07 -16.47 2.81
N ILE E 96 7.71 -15.77 3.88
CA ILE E 96 6.32 -15.79 4.32
C ILE E 96 5.74 -14.38 4.37
N SER E 97 6.49 -13.42 3.85
CA SER E 97 6.07 -12.03 3.79
C SER E 97 6.60 -11.50 2.47
N LYS E 98 5.85 -10.63 1.80
CA LYS E 98 6.34 -10.10 0.54
C LYS E 98 7.66 -9.39 0.80
N PRO E 99 8.53 -9.28 -0.21
CA PRO E 99 9.80 -8.60 0.01
C PRO E 99 9.61 -7.10 0.18
N GLU E 100 10.27 -6.54 1.19
CA GLU E 100 10.18 -5.12 1.50
C GLU E 100 11.43 -4.45 0.97
N VAL E 101 11.37 -3.96 -0.28
CA VAL E 101 12.51 -3.29 -0.90
C VAL E 101 12.77 -1.96 -0.20
N LEU E 102 13.90 -1.89 0.51
CA LEU E 102 14.26 -0.68 1.27
C LEU E 102 15.04 0.36 0.49
N THR E 103 15.43 0.04 -0.74
CA THR E 103 16.22 0.95 -1.54
C THR E 103 15.55 1.37 -2.85
N PRO E 104 16.00 2.50 -3.42
CA PRO E 104 15.49 3.04 -4.68
C PRO E 104 15.63 1.93 -5.70
N GLN E 105 14.57 1.68 -6.46
CA GLN E 105 14.56 0.61 -7.44
C GLN E 105 15.18 0.91 -8.80
N LEU E 106 16.47 1.21 -8.76
CA LEU E 106 17.23 1.53 -9.94
C LEU E 106 18.25 0.41 -10.19
N ALA E 107 18.39 0.02 -11.46
CA ALA E 107 19.35 -1.00 -11.84
C ALA E 107 20.52 -0.26 -12.50
N ARG E 108 21.61 -0.97 -12.73
CA ARG E 108 22.77 -0.37 -13.35
C ARG E 108 23.00 -1.10 -14.66
N VAL E 109 23.00 -0.36 -15.76
CA VAL E 109 23.22 -0.98 -17.08
C VAL E 109 24.55 -0.55 -17.67
N VAL E 110 25.34 -1.51 -18.12
CA VAL E 110 26.64 -1.21 -18.72
C VAL E 110 26.48 -1.18 -20.24
N SER E 111 27.41 -0.48 -20.90
CA SER E 111 27.43 -0.32 -22.35
C SER E 111 27.29 -1.63 -23.14
N ASP E 112 27.94 -2.68 -22.66
CA ASP E 112 27.88 -3.97 -23.33
C ASP E 112 26.55 -4.68 -23.12
N GLY E 113 25.77 -4.24 -22.14
CA GLY E 113 24.49 -4.90 -21.90
C GLY E 113 24.42 -5.62 -20.57
N GLU E 114 25.46 -5.47 -19.75
CA GLU E 114 25.47 -6.09 -18.43
C GLU E 114 24.55 -5.31 -17.52
N VAL E 115 23.70 -6.02 -16.79
CA VAL E 115 22.78 -5.40 -15.87
C VAL E 115 23.03 -5.85 -14.44
N LEU E 116 23.04 -4.90 -13.53
CA LEU E 116 23.23 -5.17 -12.11
C LEU E 116 22.11 -4.48 -11.35
N TYR E 117 21.45 -5.23 -10.48
CA TYR E 117 20.38 -4.71 -9.65
C TYR E 117 20.62 -5.27 -8.26
N MET E 118 20.79 -4.38 -7.28
CA MET E 118 21.08 -4.83 -5.94
C MET E 118 20.26 -4.12 -4.86
N PRO E 119 19.01 -4.57 -4.67
CA PRO E 119 18.17 -3.94 -3.67
C PRO E 119 18.45 -4.49 -2.27
N SER E 120 18.18 -3.67 -1.27
CA SER E 120 18.37 -4.09 0.10
C SER E 120 16.95 -4.55 0.37
N ILE E 121 16.79 -5.77 0.84
CA ILE E 121 15.46 -6.33 1.09
C ILE E 121 15.28 -6.77 2.53
N ARG E 122 14.08 -6.58 3.06
CA ARG E 122 13.77 -7.05 4.40
C ARG E 122 12.62 -8.02 4.16
N GLN E 123 12.77 -9.25 4.64
CA GLN E 123 11.74 -10.25 4.42
C GLN E 123 11.72 -11.29 5.54
N ARG E 124 10.54 -11.84 5.83
N ARG E 124 10.55 -11.85 5.80
CA ARG E 124 10.44 -12.85 6.87
CA ARG E 124 10.40 -12.86 6.83
C ARG E 124 10.45 -14.23 6.20
C ARG E 124 10.44 -14.24 6.18
N PHE E 125 11.27 -15.12 6.76
CA PHE E 125 11.42 -16.47 6.22
C PHE E 125 11.02 -17.56 7.20
N SER E 126 10.61 -18.69 6.64
CA SER E 126 10.25 -19.88 7.41
C SER E 126 11.45 -20.82 7.20
N CYS E 127 12.19 -21.07 8.27
CA CYS E 127 13.36 -21.95 8.16
C CYS E 127 13.79 -22.42 9.54
N ASP E 128 14.80 -23.28 9.58
CA ASP E 128 15.27 -23.83 10.85
C ASP E 128 15.92 -22.79 11.79
N VAL E 129 15.26 -22.51 12.91
CA VAL E 129 15.77 -21.55 13.87
C VAL E 129 16.33 -22.25 15.11
N SER E 130 16.12 -23.56 15.17
CA SER E 130 16.57 -24.34 16.30
C SER E 130 18.06 -24.16 16.60
N GLY E 131 18.37 -23.97 17.88
CA GLY E 131 19.75 -23.80 18.30
C GLY E 131 20.34 -22.40 18.11
N VAL E 132 19.49 -21.43 17.79
CA VAL E 132 19.97 -20.07 17.60
C VAL E 132 20.66 -19.57 18.86
N ASP E 133 20.17 -20.03 20.01
CA ASP E 133 20.72 -19.64 21.29
C ASP E 133 21.89 -20.53 21.72
N THR E 134 22.22 -21.53 20.93
CA THR E 134 23.35 -22.40 21.29
C THR E 134 24.64 -21.87 20.68
N GLU E 135 25.77 -22.47 21.05
CA GLU E 135 27.07 -22.03 20.57
C GLU E 135 27.28 -22.30 19.08
N SER E 136 26.73 -23.39 18.58
CA SER E 136 26.89 -23.72 17.17
C SER E 136 25.87 -22.96 16.32
N GLY E 137 24.97 -22.24 16.98
CA GLY E 137 23.96 -21.45 16.30
C GLY E 137 22.98 -22.26 15.47
N ALA E 138 22.16 -21.57 14.70
CA ALA E 138 21.19 -22.25 13.84
C ALA E 138 21.58 -22.06 12.40
N THR E 139 20.95 -22.84 11.52
CA THR E 139 21.21 -22.76 10.10
C THR E 139 19.90 -22.62 9.35
N CYS E 140 19.61 -21.41 8.94
CA CYS E 140 18.39 -21.11 8.21
C CYS E 140 18.74 -21.12 6.72
N ARG E 141 17.97 -21.86 5.93
N ARG E 141 17.97 -21.88 5.94
CA ARG E 141 18.23 -21.97 4.51
CA ARG E 141 18.22 -21.97 4.50
C ARG E 141 17.20 -21.21 3.66
C ARG E 141 17.20 -21.21 3.66
N ILE E 142 17.68 -20.32 2.81
CA ILE E 142 16.83 -19.52 1.95
C ILE E 142 16.99 -19.93 0.49
N LYS E 143 15.88 -20.28 -0.15
CA LYS E 143 15.88 -20.69 -1.54
C LYS E 143 15.28 -19.65 -2.46
N ILE E 144 16.10 -19.16 -3.39
CA ILE E 144 15.73 -18.12 -4.34
C ILE E 144 15.95 -18.53 -5.78
N GLY E 145 14.91 -18.42 -6.59
CA GLY E 145 15.03 -18.76 -8.00
C GLY E 145 13.83 -18.26 -8.76
N SER E 146 13.94 -18.26 -10.09
CA SER E 146 12.85 -17.84 -10.95
C SER E 146 11.53 -18.48 -10.52
N TRP E 147 10.41 -17.80 -10.70
CA TRP E 147 9.13 -18.39 -10.31
C TRP E 147 8.47 -19.12 -11.47
N THR E 148 8.51 -18.53 -12.67
CA THR E 148 7.88 -19.16 -13.84
C THR E 148 8.80 -19.55 -15.02
N HIS E 149 10.09 -19.25 -14.91
CA HIS E 149 11.05 -19.61 -15.97
C HIS E 149 11.88 -20.83 -15.58
N HIS E 150 11.70 -21.94 -16.29
CA HIS E 150 12.46 -23.14 -15.98
C HIS E 150 13.93 -23.10 -16.42
N SER E 151 14.60 -24.23 -16.24
CA SER E 151 16.02 -24.42 -16.55
C SER E 151 16.49 -23.98 -17.93
N ARG E 152 15.64 -24.18 -18.94
CA ARG E 152 16.00 -23.81 -20.30
C ARG E 152 15.75 -22.36 -20.64
N GLU E 153 15.21 -21.60 -19.69
CA GLU E 153 14.93 -20.20 -19.91
C GLU E 153 15.79 -19.33 -18.99
N ILE E 154 15.96 -19.79 -17.76
CA ILE E 154 16.77 -19.08 -16.78
C ILE E 154 17.62 -20.06 -16.00
N SER E 155 18.86 -19.68 -15.75
CA SER E 155 19.77 -20.49 -14.97
C SER E 155 20.29 -19.56 -13.88
N VAL E 156 20.30 -20.04 -12.65
CA VAL E 156 20.79 -19.20 -11.58
C VAL E 156 21.96 -19.89 -10.91
N ASP E 157 23.02 -19.13 -10.67
CA ASP E 157 24.19 -19.68 -10.01
C ASP E 157 24.74 -18.66 -9.03
N PRO E 158 25.21 -19.12 -7.87
CA PRO E 158 25.76 -18.23 -6.86
C PRO E 158 27.17 -17.73 -7.16
N THR E 159 27.28 -16.48 -7.60
CA THR E 159 28.58 -15.90 -7.89
C THR E 159 29.18 -15.43 -6.58
N THR E 160 29.97 -16.29 -5.94
CA THR E 160 30.59 -15.93 -4.67
C THR E 160 31.76 -14.97 -4.89
N GLU E 161 32.26 -14.40 -3.80
CA GLU E 161 33.37 -13.47 -3.87
C GLU E 161 34.35 -13.65 -2.72
N ASN E 162 35.26 -12.70 -2.57
CA ASN E 162 36.26 -12.75 -1.50
C ASN E 162 35.84 -11.92 -0.30
N SER E 163 34.59 -11.47 -0.30
CA SER E 163 34.07 -10.67 0.80
C SER E 163 33.75 -11.50 2.03
N ASP E 164 33.97 -10.92 3.21
CA ASP E 164 33.67 -11.60 4.45
C ASP E 164 32.16 -11.75 4.49
N ASP E 165 31.68 -12.80 5.14
CA ASP E 165 30.25 -13.05 5.23
C ASP E 165 29.50 -11.95 5.99
N SER E 166 30.14 -11.39 7.01
CA SER E 166 29.50 -10.33 7.78
C SER E 166 30.19 -9.00 7.52
N GLU E 167 30.78 -8.88 6.33
CA GLU E 167 31.48 -7.68 5.92
C GLU E 167 30.59 -6.44 6.00
N TYR E 168 29.31 -6.62 5.74
CA TYR E 168 28.39 -5.51 5.77
C TYR E 168 27.31 -5.73 6.83
N PHE E 169 27.49 -6.78 7.63
CA PHE E 169 26.54 -7.13 8.66
C PHE E 169 26.63 -6.20 9.87
N SER E 170 25.48 -5.67 10.27
CA SER E 170 25.42 -4.76 11.40
C SER E 170 25.99 -5.32 12.68
N GLN E 171 26.86 -4.55 13.32
CA GLN E 171 27.48 -4.95 14.57
C GLN E 171 26.50 -4.74 15.73
N TYR E 172 25.40 -4.06 15.46
CA TYR E 172 24.41 -3.78 16.49
C TYR E 172 23.31 -4.82 16.54
N SER E 173 23.38 -5.83 15.68
CA SER E 173 22.39 -6.89 15.69
C SER E 173 22.61 -7.73 16.94
N ARG E 174 21.55 -8.36 17.45
CA ARG E 174 21.67 -9.20 18.63
C ARG E 174 22.30 -10.52 18.22
N PHE E 175 22.35 -10.74 16.91
CA PHE E 175 22.92 -11.95 16.36
C PHE E 175 24.19 -11.71 15.55
N GLU E 176 24.97 -12.77 15.37
CA GLU E 176 26.22 -12.68 14.61
C GLU E 176 26.29 -13.82 13.62
N ILE E 177 26.88 -13.57 12.46
CA ILE E 177 27.00 -14.61 11.46
C ILE E 177 28.20 -15.48 11.75
N LEU E 178 28.01 -16.80 11.66
CA LEU E 178 29.11 -17.73 11.88
C LEU E 178 29.57 -18.25 10.54
N ASP E 179 28.67 -18.31 9.57
CA ASP E 179 29.03 -18.79 8.25
C ASP E 179 27.88 -18.73 7.25
N VAL E 180 28.22 -18.49 5.99
CA VAL E 180 27.24 -18.44 4.92
C VAL E 180 27.80 -19.21 3.75
N THR E 181 27.00 -20.13 3.21
CA THR E 181 27.39 -20.92 2.05
C THR E 181 26.24 -20.84 1.07
N GLN E 182 26.55 -20.69 -0.21
CA GLN E 182 25.52 -20.59 -1.24
C GLN E 182 25.68 -21.66 -2.33
N LYS E 183 24.78 -22.65 -2.28
CA LYS E 183 24.78 -23.77 -3.23
C LYS E 183 23.69 -23.64 -4.30
N LYS E 184 24.00 -24.11 -5.50
CA LYS E 184 23.06 -24.07 -6.61
C LYS E 184 22.25 -25.34 -6.52
N ASN E 185 20.95 -25.26 -6.82
CA ASN E 185 20.10 -26.43 -6.72
C ASN E 185 19.14 -26.50 -7.90
N SER E 186 18.37 -27.58 -7.98
CA SER E 186 17.44 -27.79 -9.09
C SER E 186 16.25 -28.69 -8.75
N VAL E 187 15.03 -28.18 -8.95
CA VAL E 187 13.81 -28.95 -8.65
C VAL E 187 12.90 -29.14 -9.85
N THR E 188 12.20 -30.28 -9.88
CA THR E 188 11.24 -30.55 -10.95
C THR E 188 9.86 -30.60 -10.33
N TYR E 189 8.90 -29.94 -10.96
CA TYR E 189 7.53 -29.93 -10.45
C TYR E 189 6.60 -30.65 -11.40
N SER E 190 5.44 -31.05 -10.88
CA SER E 190 4.43 -31.74 -11.67
C SER E 190 4.13 -30.91 -12.91
N CYS E 191 4.20 -29.59 -12.76
CA CYS E 191 3.97 -28.64 -13.85
C CYS E 191 4.39 -29.15 -15.19
N CYS E 192 5.69 -29.34 -15.27
CA CYS E 192 6.33 -29.68 -16.50
C CYS E 192 7.56 -30.58 -16.28
N PRO E 193 8.09 -31.17 -17.36
CA PRO E 193 9.26 -32.04 -17.24
C PRO E 193 10.53 -31.28 -16.87
N GLU E 194 10.69 -30.06 -17.40
CA GLU E 194 11.89 -29.28 -17.09
C GLU E 194 11.86 -28.73 -15.67
N ALA E 195 13.01 -28.77 -15.03
CA ALA E 195 13.18 -28.31 -13.67
C ALA E 195 13.45 -26.81 -13.59
N TYR E 196 13.45 -26.30 -12.37
CA TYR E 196 13.72 -24.89 -12.14
C TYR E 196 14.96 -24.77 -11.27
N GLU E 197 15.86 -23.88 -11.63
CA GLU E 197 17.06 -23.70 -10.85
C GLU E 197 16.82 -22.72 -9.71
N ASP E 198 17.63 -22.85 -8.66
CA ASP E 198 17.51 -21.97 -7.52
C ASP E 198 18.81 -22.01 -6.75
N VAL E 199 19.10 -20.91 -6.07
CA VAL E 199 20.29 -20.86 -5.24
C VAL E 199 19.73 -21.10 -3.86
N GLU E 200 20.43 -21.90 -3.07
CA GLU E 200 20.02 -22.19 -1.72
C GLU E 200 21.10 -21.59 -0.83
N VAL E 201 20.74 -20.55 -0.09
CA VAL E 201 21.68 -19.88 0.78
C VAL E 201 21.48 -20.34 2.21
N SER E 202 22.57 -20.80 2.82
CA SER E 202 22.52 -21.27 4.19
C SER E 202 23.18 -20.27 5.10
N LEU E 203 22.42 -19.79 6.08
CA LEU E 203 22.93 -18.82 7.01
C LEU E 203 23.04 -19.43 8.40
N ASN E 204 24.27 -19.63 8.85
CA ASN E 204 24.52 -20.17 10.18
C ASN E 204 24.77 -18.95 11.06
N PHE E 205 23.85 -18.70 11.98
CA PHE E 205 23.96 -17.56 12.90
C PHE E 205 23.60 -17.98 14.32
N ARG E 206 24.00 -17.16 15.29
CA ARG E 206 23.71 -17.45 16.68
C ARG E 206 23.52 -16.16 17.46
N LYS E 207 22.85 -16.25 18.60
CA LYS E 207 22.66 -15.06 19.43
C LYS E 207 24.02 -14.80 20.08
N LYS E 208 24.42 -13.54 20.14
CA LYS E 208 25.69 -13.18 20.74
C LYS E 208 25.77 -13.55 22.21
N GLY E 209 26.88 -14.16 22.60
CA GLY E 209 27.06 -14.55 23.98
C GLY E 209 27.20 -13.30 24.85
N ARG E 210 27.43 -13.52 26.15
CA ARG E 210 27.58 -12.41 27.09
C ARG E 210 29.03 -12.30 27.56
N SER E 211 29.35 -11.21 28.26
CA SER E 211 30.69 -10.98 28.78
C SER E 211 31.05 -12.02 29.84
CL N1Y F . 2.37 -20.15 -13.89
C1 N1Y F . 3.61 -21.04 -13.16
N1 N1Y F . 4.09 -20.50 -12.00
C2 N1Y F . 5.10 -21.20 -11.36
C3 N1Y F . 5.64 -22.42 -11.85
C4 N1Y F . 6.76 -23.15 -11.13
N2 N1Y F . 6.44 -23.64 -9.79
C5 N1Y F . 5.09 -22.93 -13.06
C6 N1Y F . 4.05 -22.24 -13.73
C7 N1Y F . 5.66 -24.74 -9.39
C8 N1Y F . 5.04 -25.62 -10.21
N3 N1Y F . 5.67 -24.76 -8.01
C9 N1Y F . 6.43 -23.68 -7.41
C10 N1Y F . 6.97 -22.90 -8.63
N4 N1Y F . 4.24 -26.74 -9.77
O1 N1Y F . 4.07 -26.99 -8.56
O2 N1Y F . 3.76 -27.42 -10.69
CL N1Y G . -21.75 -7.68 -7.96
C1 N1Y G . -21.99 -9.26 -7.39
N1 N1Y G . -21.12 -9.68 -6.41
C2 N1Y G . -21.28 -10.98 -5.94
C3 N1Y G . -22.27 -11.87 -6.42
C4 N1Y G . -22.44 -13.30 -5.90
N2 N1Y G . -22.42 -13.46 -4.45
C5 N1Y G . -23.15 -11.37 -7.42
C6 N1Y G . -23.01 -10.06 -7.93
C7 N1Y G . -23.43 -13.27 -3.51
C8 N1Y G . -24.69 -12.86 -3.78
N3 N1Y G . -22.91 -13.55 -2.28
C9 N1Y G . -21.53 -13.96 -2.30
C10 N1Y G . -21.17 -13.90 -3.80
N4 N1Y G . -25.68 -12.69 -2.73
O1 N1Y G . -25.39 -12.92 -1.54
O2 N1Y G . -26.78 -12.32 -3.13
CL N1Y H . -16.19 17.98 -0.12
C1 N1Y H . -17.43 17.49 0.91
N1 N1Y H . -17.11 16.48 1.79
C2 N1Y H . -18.11 16.05 2.66
C3 N1Y H . -19.42 16.59 2.67
C4 N1Y H . -20.53 16.11 3.61
N2 N1Y H . -20.14 15.81 4.99
C5 N1Y H . -19.68 17.63 1.74
C6 N1Y H . -18.69 18.11 0.84
C7 N1Y H . -19.86 16.65 6.07
C8 N1Y H . -19.90 18.02 6.05
N3 N1Y H . -19.53 15.86 7.14
C9 N1Y H . -19.58 14.44 6.86
C10 N1Y H . -20.00 14.39 5.37
N4 N1Y H . -19.60 18.85 7.20
O1 N1Y H . -19.29 18.34 8.30
O2 N1Y H . -19.70 20.08 7.00
CL N1Y I . 11.35 21.97 -0.91
C1 N1Y I . 10.90 22.73 0.54
N1 N1Y I . 10.01 22.02 1.31
C2 N1Y I . 9.61 22.60 2.50
C3 N1Y I . 10.05 23.87 2.94
C4 N1Y I . 9.59 24.46 4.25
N2 N1Y I . 10.19 23.78 5.42
C5 N1Y I . 10.97 24.56 2.11
C6 N1Y I . 11.41 23.99 0.88
C7 N1Y I . 11.43 23.95 6.03
C8 N1Y I . 12.40 24.81 5.66
N3 N1Y I . 11.49 23.07 7.08
C9 N1Y I . 10.29 22.26 7.26
C10 N1Y I . 9.38 22.75 6.11
N4 N1Y I . 13.68 24.93 6.34
O1 N1Y I . 13.95 24.22 7.33
O2 N1Y I . 14.44 25.77 5.86
CL N1Y J . 22.38 -1.63 -9.33
C1 N1Y J . 23.46 -1.12 -8.12
N1 N1Y J . 22.90 -0.96 -6.88
C2 N1Y J . 23.73 -0.54 -5.86
C3 N1Y J . 25.10 -0.27 -6.03
C4 N1Y J . 26.01 0.21 -4.92
N2 N1Y J . 25.96 -0.56 -3.68
C5 N1Y J . 25.62 -0.46 -7.35
C6 N1Y J . 24.80 -0.89 -8.42
C7 N1Y J . 26.57 -1.78 -3.36
C8 N1Y J . 27.33 -2.50 -4.19
N3 N1Y J . 26.23 -2.09 -2.09
C9 N1Y J . 25.39 -1.09 -1.44
C10 N1Y J . 25.20 -0.04 -2.54
N4 N1Y J . 27.94 -3.75 -3.83
O1 N1Y J . 27.78 -4.22 -2.69
O2 N1Y J . 28.62 -4.27 -4.71
#